data_4HON
#
_entry.id   4HON
#
_cell.length_a   72.202
_cell.length_b   79.675
_cell.length_c   175.938
_cell.angle_alpha   90.00
_cell.angle_beta   90.00
_cell.angle_gamma   90.00
#
_symmetry.space_group_name_H-M   'P 21 21 21'
#
loop_
_entity.id
_entity.type
_entity.pdbx_description
1 polymer 'Lysine-specific demethylase 4D'
2 polymer 'Histone H3 Peptide'
3 non-polymer '2-OXOGLUTARIC ACID'
4 non-polymer 'NICKEL (II) ION'
5 non-polymer 'ZINC ION'
6 non-polymer 'THIOCYANATE ION'
7 non-polymer 'NITRATE ION'
8 non-polymer 1,3-PROPANDIOL
9 water water
#
loop_
_entity_poly.entity_id
_entity_poly.type
_entity_poly.pdbx_seq_one_letter_code
_entity_poly.pdbx_strand_id
1 'polypeptide(L)'
;QNPNCNIMIFHPTKEEFNDFDKYIAYMESQGAHRAGLAKIIPPKEWKARETYDNISEILIATPLQQVASGRAGVFTQYHK
KKKAMTVGEYRHLANSKKYQTPPHQNFEDLERKYWKNRIYNSPIYGADISGSLFDENTKQWNLGHLGTIQDLLEKECGVV
IEGVNTPYLYFGMWKTTFAWHTEDMDLYSINYLHLGEPKTWYVVPPEHGQRLERLARELFPGSSRGCGAFLRHKVALISP
TVLKENGIPFNRITQEAGEFMVTFPYGYHAGFNHGFNCAEAINFATPRWIDYGKMASQCSCGEARVTFSMDAFVRILQPE
RYDLWKRGQD
;
A,B
2 'polypeptide(L)' TAR(M3L)STGGKA F,G
#
# COMPACT_ATOMS: atom_id res chain seq x y z
N GLN A 1 -16.36 -11.24 3.94
CA GLN A 1 -15.22 -10.34 3.62
C GLN A 1 -13.86 -11.05 3.64
N ASN A 2 -12.93 -10.60 2.80
CA ASN A 2 -11.67 -11.35 2.56
C ASN A 2 -11.86 -12.90 2.50
N PRO A 3 -12.72 -13.39 1.58
CA PRO A 3 -13.02 -14.83 1.58
C PRO A 3 -11.79 -15.69 1.26
N ASN A 4 -10.90 -15.18 0.42
CA ASN A 4 -9.72 -15.95 0.01
C ASN A 4 -8.53 -15.84 0.98
N CYS A 5 -8.72 -15.13 2.08
CA CYS A 5 -7.69 -14.97 3.14
C CYS A 5 -6.39 -14.37 2.58
N ASN A 6 -6.51 -13.33 1.75
CA ASN A 6 -5.35 -12.59 1.22
C ASN A 6 -4.76 -11.72 2.30
N ILE A 7 -3.46 -11.49 2.25
CA ILE A 7 -2.82 -10.58 3.20
C ILE A 7 -3.18 -9.18 2.76
N MET A 8 -3.84 -8.43 3.65
CA MET A 8 -4.29 -7.09 3.29
C MET A 8 -3.25 -6.06 3.72
N ILE A 9 -3.18 -4.96 2.96
CA ILE A 9 -2.20 -3.90 3.21
C ILE A 9 -2.99 -2.61 3.43
N PHE A 10 -2.67 -1.91 4.51
CA PHE A 10 -3.43 -0.77 4.96
C PHE A 10 -2.59 0.49 4.92
N HIS A 11 -3.26 1.60 4.55
CA HIS A 11 -2.64 2.90 4.51
C HIS A 11 -3.45 3.89 5.33
N PRO A 12 -3.32 3.83 6.67
CA PRO A 12 -4.07 4.78 7.51
C PRO A 12 -3.61 6.22 7.31
N THR A 13 -4.56 7.15 7.39
CA THR A 13 -4.24 8.56 7.40
C THR A 13 -3.69 8.94 8.78
N LYS A 14 -3.13 10.14 8.89
CA LYS A 14 -2.67 10.67 10.18
C LYS A 14 -3.81 10.62 11.22
N GLU A 15 -5.03 10.96 10.80
CA GLU A 15 -6.18 10.93 11.72
C GLU A 15 -6.50 9.49 12.18
N GLU A 16 -6.29 8.52 11.29
CA GLU A 16 -6.61 7.12 11.60
C GLU A 16 -5.52 6.44 12.42
N PHE A 17 -4.41 7.15 12.63
CA PHE A 17 -3.22 6.57 13.27
C PHE A 17 -3.17 6.95 14.74
N ASN A 18 -4.22 7.61 15.22
CA ASN A 18 -4.25 8.05 16.59
C ASN A 18 -4.73 7.05 17.61
N ASP A 19 -5.51 6.07 17.18
CA ASP A 19 -6.13 5.16 18.15
C ASP A 19 -5.87 3.75 17.69
N PHE A 20 -4.89 3.11 18.33
CA PHE A 20 -4.38 1.82 17.83
C PHE A 20 -5.48 0.77 17.82
N ASP A 21 -6.14 0.58 18.95
CA ASP A 21 -7.19 -0.43 19.02
C ASP A 21 -8.28 -0.24 18.01
N LYS A 22 -8.65 1.01 17.79
CA LYS A 22 -9.71 1.34 16.84
C LYS A 22 -9.34 0.93 15.42
N TYR A 23 -8.09 1.21 15.05
CA TYR A 23 -7.61 0.84 13.72
C TYR A 23 -7.50 -0.68 13.53
N ILE A 24 -7.02 -1.40 14.57
CA ILE A 24 -7.01 -2.88 14.51
C ILE A 24 -8.44 -3.42 14.29
N ALA A 25 -9.41 -2.87 15.03
CA ALA A 25 -10.81 -3.28 14.84
C ALA A 25 -11.30 -3.01 13.42
N TYR A 26 -10.96 -1.84 12.90
CA TYR A 26 -11.31 -1.50 11.53
C TYR A 26 -10.72 -2.51 10.52
N MET A 27 -9.44 -2.83 10.68
CA MET A 27 -8.79 -3.83 9.83
C MET A 27 -9.55 -5.16 9.87
N GLU A 28 -9.96 -5.57 11.06
CA GLU A 28 -10.71 -6.82 11.18
C GLU A 28 -12.09 -6.73 10.58
N SER A 29 -12.67 -5.53 10.60
CA SER A 29 -13.99 -5.35 10.00
C SER A 29 -13.92 -5.53 8.48
N GLN A 30 -12.72 -5.36 7.89
CA GLN A 30 -12.45 -5.58 6.47
C GLN A 30 -11.93 -6.99 6.15
N GLY A 31 -11.82 -7.82 7.19
CA GLY A 31 -11.47 -9.23 7.09
C GLY A 31 -9.97 -9.49 7.18
N ALA A 32 -9.20 -8.52 7.69
CA ALA A 32 -7.72 -8.65 7.66
C ALA A 32 -7.25 -9.90 8.41
N HIS A 33 -7.87 -10.15 9.56
CA HIS A 33 -7.52 -11.30 10.41
C HIS A 33 -7.63 -12.67 9.74
N ARG A 34 -8.44 -12.78 8.68
CA ARG A 34 -8.65 -14.08 8.02
C ARG A 34 -7.35 -14.59 7.39
N ALA A 35 -6.49 -13.67 6.95
CA ALA A 35 -5.19 -14.07 6.37
C ALA A 35 -4.18 -14.52 7.45
N GLY A 36 -4.34 -13.99 8.66
CA GLY A 36 -3.41 -14.27 9.76
C GLY A 36 -2.30 -13.26 9.90
N LEU A 37 -2.16 -12.41 8.89
CA LEU A 37 -1.11 -11.41 8.87
C LEU A 37 -1.61 -10.21 8.06
N ALA A 38 -1.29 -8.99 8.49
CA ALA A 38 -1.57 -7.77 7.68
C ALA A 38 -0.35 -6.85 7.66
N LYS A 39 -0.22 -6.03 6.61
CA LYS A 39 0.79 -4.99 6.58
C LYS A 39 0.16 -3.62 6.83
N ILE A 40 0.81 -2.79 7.64
CA ILE A 40 0.37 -1.39 7.80
C ILE A 40 1.48 -0.44 7.43
N ILE A 41 1.19 0.37 6.42
CA ILE A 41 2.10 1.38 6.00
C ILE A 41 1.73 2.71 6.66
N PRO A 42 2.64 3.29 7.47
CA PRO A 42 2.25 4.46 8.27
C PRO A 42 2.07 5.69 7.38
N PRO A 43 1.32 6.70 7.86
CA PRO A 43 1.21 7.95 7.05
C PRO A 43 2.55 8.55 6.75
N LYS A 44 2.63 9.15 5.56
CA LYS A 44 3.86 9.69 5.01
C LYS A 44 4.67 10.48 6.03
N GLU A 45 3.98 11.34 6.79
CA GLU A 45 4.62 12.23 7.76
C GLU A 45 5.16 11.59 9.03
N TRP A 46 4.61 10.44 9.42
CA TRP A 46 4.96 9.80 10.68
C TRP A 46 6.40 9.32 10.65
N LYS A 47 7.07 9.39 11.79
CA LYS A 47 8.33 8.65 11.96
C LYS A 47 8.47 8.06 13.35
N ALA A 48 9.08 6.88 13.43
CA ALA A 48 9.30 6.24 14.72
C ALA A 48 10.33 6.96 15.59
N ARG A 49 11.36 7.48 14.95
CA ARG A 49 12.51 8.02 15.62
C ARG A 49 13.12 9.03 14.66
N GLU A 50 13.72 10.07 15.21
CA GLU A 50 14.29 11.14 14.38
C GLU A 50 15.52 10.65 13.61
N THR A 51 16.47 10.05 14.34
CA THR A 51 17.64 9.48 13.70
C THR A 51 18.06 8.14 14.31
N TYR A 52 18.76 7.33 13.51
CA TYR A 52 19.37 6.10 14.03
C TYR A 52 20.89 6.22 14.03
N ASP A 53 21.39 7.46 14.15
CA ASP A 53 22.80 7.81 14.08
C ASP A 53 23.65 7.26 15.18
N ASN A 54 22.98 6.96 16.28
CA ASN A 54 23.70 6.58 17.43
C ASN A 54 23.30 5.27 17.99
N ILE A 55 23.08 4.30 17.15
CA ILE A 55 22.72 2.96 17.64
C ILE A 55 23.86 1.93 17.58
N SER A 56 24.98 2.30 16.96
CA SER A 56 26.09 1.37 16.79
C SER A 56 26.72 0.93 18.11
N GLU A 57 26.56 1.71 19.18
CA GLU A 57 27.15 1.36 20.49
C GLU A 57 26.27 0.47 21.38
N ILE A 58 25.04 0.18 20.93
CA ILE A 58 24.18 -0.74 21.66
C ILE A 58 24.90 -2.09 21.75
N LEU A 59 24.96 -2.67 22.94
CA LEU A 59 25.60 -3.96 23.14
C LEU A 59 24.58 -5.11 22.95
N ILE A 60 24.89 -6.01 22.05
CA ILE A 60 24.10 -7.25 21.91
C ILE A 60 24.74 -8.28 22.84
N ALA A 61 24.12 -8.52 23.99
CA ALA A 61 24.74 -9.34 25.06
C ALA A 61 24.87 -10.78 24.64
N THR A 62 23.89 -11.31 23.92
CA THR A 62 23.89 -12.72 23.58
CA THR A 62 23.91 -12.73 23.56
C THR A 62 23.42 -12.95 22.13
N PRO A 63 24.31 -12.70 21.14
CA PRO A 63 23.93 -13.04 19.77
C PRO A 63 23.78 -14.55 19.68
N LEU A 64 22.88 -15.03 18.80
CA LEU A 64 22.58 -16.47 18.68
C LEU A 64 22.92 -16.98 17.30
N GLN A 65 23.71 -18.03 17.24
CA GLN A 65 24.00 -18.67 15.97
C GLN A 65 22.88 -19.67 15.68
N GLN A 66 22.28 -19.55 14.49
CA GLN A 66 21.10 -20.34 14.18
C GLN A 66 21.41 -21.51 13.27
N VAL A 67 21.56 -22.67 13.87
CA VAL A 67 22.08 -23.84 13.16
C VAL A 67 20.95 -24.71 12.68
N ALA A 68 20.83 -24.84 11.36
CA ALA A 68 19.77 -25.64 10.75
C ALA A 68 20.31 -26.98 10.32
N SER A 69 19.47 -28.02 10.48
CA SER A 69 19.82 -29.39 10.01
C SER A 69 18.66 -29.92 9.21
N GLY A 70 18.92 -30.47 8.02
CA GLY A 70 17.86 -31.12 7.28
C GLY A 70 18.13 -31.01 5.79
N ARG A 71 17.08 -31.15 4.99
CA ARG A 71 17.20 -31.10 3.55
C ARG A 71 15.84 -30.94 2.88
N ALA A 72 15.85 -30.59 1.59
CA ALA A 72 14.62 -30.56 0.80
C ALA A 72 13.50 -29.75 1.46
N GLY A 73 13.87 -28.61 2.00
CA GLY A 73 12.87 -27.68 2.51
C GLY A 73 12.33 -27.98 3.90
N VAL A 74 12.91 -28.96 4.61
CA VAL A 74 12.44 -29.36 5.94
C VAL A 74 13.66 -29.37 6.88
N PHE A 75 13.68 -28.46 7.84
CA PHE A 75 14.83 -28.33 8.74
C PHE A 75 14.39 -28.16 10.17
N THR A 76 15.25 -28.57 11.11
CA THR A 76 15.12 -28.11 12.48
C THR A 76 16.25 -27.10 12.73
N GLN A 77 15.99 -26.14 13.60
CA GLN A 77 16.97 -25.12 13.90
C GLN A 77 17.16 -25.05 15.42
N TYR A 78 18.41 -24.91 15.84
CA TYR A 78 18.70 -24.71 17.25
CA TYR A 78 18.71 -24.71 17.26
C TYR A 78 19.67 -23.56 17.36
N HIS A 79 19.77 -22.98 18.55
CA HIS A 79 20.57 -21.77 18.77
C HIS A 79 21.79 -22.06 19.64
N LYS A 80 22.91 -21.48 19.25
CA LYS A 80 24.14 -21.52 20.05
C LYS A 80 24.48 -20.08 20.43
N LYS A 81 24.67 -19.82 21.75
CA LYS A 81 25.08 -18.48 22.22
C LYS A 81 26.50 -18.13 21.76
N LYS A 82 26.68 -16.88 21.34
CA LYS A 82 27.99 -16.37 20.95
C LYS A 82 28.37 -15.19 21.85
N LYS A 83 29.63 -14.76 21.76
CA LYS A 83 30.14 -13.64 22.56
C LYS A 83 29.43 -12.33 22.26
N ALA A 84 29.26 -11.48 23.27
CA ALA A 84 28.67 -10.15 23.07
C ALA A 84 29.43 -9.35 22.02
N MET A 85 28.71 -8.45 21.35
CA MET A 85 29.30 -7.56 20.36
C MET A 85 28.36 -6.39 20.21
N THR A 86 28.89 -5.26 19.77
CA THR A 86 28.04 -4.07 19.60
C THR A 86 27.25 -4.22 18.31
N VAL A 87 26.22 -3.40 18.17
CA VAL A 87 25.45 -3.33 16.92
C VAL A 87 26.38 -2.96 15.78
N GLY A 88 27.30 -2.03 16.02
CA GLY A 88 28.32 -1.71 15.00
C GLY A 88 29.17 -2.88 14.55
N GLU A 89 29.61 -3.70 15.51
CA GLU A 89 30.39 -4.86 15.20
C GLU A 89 29.54 -5.90 14.45
N TYR A 90 28.27 -5.97 14.85
CA TYR A 90 27.34 -6.95 14.29
C TYR A 90 27.07 -6.57 12.81
N ARG A 91 26.88 -5.29 12.55
CA ARG A 91 26.64 -4.81 11.18
C ARG A 91 27.83 -5.15 10.27
N HIS A 92 29.03 -4.91 10.79
CA HIS A 92 30.26 -5.27 10.08
C HIS A 92 30.29 -6.76 9.79
N LEU A 93 29.93 -7.58 10.77
CA LEU A 93 29.92 -9.02 10.57
C LEU A 93 28.86 -9.43 9.53
N ALA A 94 27.66 -8.86 9.65
CA ALA A 94 26.59 -9.11 8.67
C ALA A 94 27.05 -8.84 7.23
N ASN A 95 27.82 -7.78 7.05
CA ASN A 95 28.25 -7.35 5.72
C ASN A 95 29.56 -7.98 5.22
N SER A 96 30.13 -8.87 6.04
CA SER A 96 31.39 -9.54 5.72
C SER A 96 31.16 -10.63 4.67
N LYS A 97 32.24 -11.11 4.04
CA LYS A 97 32.10 -12.08 2.96
C LYS A 97 31.34 -13.34 3.39
N LYS A 98 31.59 -13.84 4.60
CA LYS A 98 30.97 -15.08 5.03
C LYS A 98 29.43 -14.92 5.08
N TYR A 99 28.96 -13.76 5.56
CA TYR A 99 27.54 -13.64 5.98
C TYR A 99 26.66 -12.75 5.10
N GLN A 100 27.27 -12.06 4.15
CA GLN A 100 26.56 -11.03 3.37
C GLN A 100 25.54 -11.72 2.46
N THR A 101 24.43 -11.03 2.20
CA THR A 101 23.43 -11.49 1.21
C THR A 101 24.13 -11.93 -0.09
N PRO A 102 23.82 -13.12 -0.62
CA PRO A 102 24.42 -13.57 -1.87
C PRO A 102 23.97 -12.70 -3.02
N PRO A 103 24.82 -12.58 -4.04
CA PRO A 103 24.38 -11.96 -5.28
C PRO A 103 23.12 -12.66 -5.80
N HIS A 104 22.15 -11.88 -6.24
CA HIS A 104 20.89 -12.43 -6.72
C HIS A 104 20.24 -11.48 -7.73
N GLN A 105 19.35 -12.00 -8.54
CA GLN A 105 18.68 -11.19 -9.58
C GLN A 105 17.34 -10.61 -9.20
N ASN A 106 16.65 -11.24 -8.24
CA ASN A 106 15.30 -10.82 -7.88
C ASN A 106 14.87 -11.57 -6.62
N PHE A 107 13.67 -11.28 -6.13
CA PHE A 107 13.22 -11.94 -4.89
C PHE A 107 13.14 -13.44 -5.03
N GLU A 108 12.49 -13.92 -6.12
CA GLU A 108 12.31 -15.35 -6.27
C GLU A 108 13.65 -16.07 -6.19
N ASP A 109 14.70 -15.44 -6.72
CA ASP A 109 16.04 -16.01 -6.73
C ASP A 109 16.60 -16.06 -5.29
N LEU A 110 16.47 -14.95 -4.59
CA LEU A 110 16.97 -14.90 -3.20
C LEU A 110 16.23 -15.93 -2.34
N GLU A 111 14.92 -16.03 -2.52
CA GLU A 111 14.09 -17.00 -1.79
C GLU A 111 14.53 -18.46 -2.07
N ARG A 112 14.73 -18.79 -3.35
CA ARG A 112 15.27 -20.11 -3.66
C ARG A 112 16.60 -20.35 -2.96
N LYS A 113 17.48 -19.34 -2.91
CA LYS A 113 18.79 -19.50 -2.28
C LYS A 113 18.64 -19.71 -0.78
N TYR A 114 17.71 -18.97 -0.18
CA TYR A 114 17.48 -19.13 1.26
C TYR A 114 17.16 -20.60 1.59
N TRP A 115 16.17 -21.15 0.89
CA TRP A 115 15.68 -22.53 1.14
C TRP A 115 16.69 -23.62 0.73
N LYS A 116 17.42 -23.37 -0.35
CA LYS A 116 18.34 -24.37 -0.86
C LYS A 116 19.58 -24.50 0.03
N ASN A 117 20.06 -23.38 0.54
CA ASN A 117 21.35 -23.35 1.21
C ASN A 117 21.25 -23.11 2.70
N ARG A 118 20.10 -23.38 3.30
CA ARG A 118 19.88 -23.04 4.70
C ARG A 118 20.91 -23.66 5.67
N ILE A 119 21.38 -24.87 5.38
CA ILE A 119 22.34 -25.50 6.33
C ILE A 119 23.73 -24.84 6.35
N TYR A 120 24.08 -24.07 5.32
CA TYR A 120 25.43 -23.47 5.22
C TYR A 120 25.59 -22.15 5.96
N ASN A 121 26.80 -21.89 6.50
CA ASN A 121 27.09 -20.59 7.12
C ASN A 121 26.05 -20.10 8.12
N SER A 122 25.80 -20.90 9.14
CA SER A 122 24.75 -20.65 10.10
C SER A 122 24.81 -19.17 10.54
N PRO A 123 23.71 -18.41 10.35
CA PRO A 123 23.75 -16.96 10.59
C PRO A 123 23.64 -16.62 12.08
N ILE A 124 24.02 -15.40 12.44
CA ILE A 124 24.02 -14.95 13.82
C ILE A 124 22.89 -13.92 13.94
N TYR A 125 21.94 -14.16 14.85
CA TYR A 125 20.77 -13.30 15.01
C TYR A 125 20.88 -12.58 16.36
N GLY A 126 20.88 -11.24 16.33
CA GLY A 126 20.79 -10.45 17.56
C GLY A 126 19.33 -10.31 17.97
N ALA A 127 18.73 -11.42 18.40
CA ALA A 127 17.30 -11.49 18.66
C ALA A 127 16.97 -11.34 20.16
N ASP A 128 15.70 -11.07 20.43
CA ASP A 128 15.11 -11.15 21.78
C ASP A 128 15.80 -10.22 22.77
N ILE A 129 16.11 -9.02 22.30
CA ILE A 129 16.78 -8.03 23.12
C ILE A 129 15.71 -7.13 23.78
N SER A 130 15.64 -7.07 25.11
CA SER A 130 14.70 -6.16 25.77
CA SER A 130 14.70 -6.17 25.77
CA SER A 130 14.69 -6.17 25.75
C SER A 130 15.04 -4.70 25.47
N GLY A 131 14.11 -4.00 24.84
CA GLY A 131 14.37 -2.62 24.49
C GLY A 131 13.53 -2.06 23.35
N SER A 132 13.73 -0.78 23.07
CA SER A 132 12.91 -0.07 22.10
C SER A 132 13.70 1.06 21.47
N LEU A 133 13.46 1.30 20.19
CA LEU A 133 14.08 2.43 19.52
C LEU A 133 13.09 3.55 19.22
N PHE A 134 11.84 3.42 19.65
CA PHE A 134 10.86 4.48 19.41
C PHE A 134 11.21 5.69 20.27
N ASP A 135 11.10 6.90 19.72
CA ASP A 135 11.28 8.11 20.51
C ASP A 135 10.10 8.22 21.45
N GLU A 136 10.36 8.60 22.71
CA GLU A 136 9.28 8.81 23.70
C GLU A 136 8.20 9.77 23.17
N ASN A 137 8.60 10.73 22.32
CA ASN A 137 7.65 11.71 21.73
C ASN A 137 6.74 11.13 20.65
N THR A 138 7.06 9.91 20.18
CA THR A 138 6.20 9.29 19.18
C THR A 138 4.99 8.71 19.87
N LYS A 139 3.82 9.33 19.68
CA LYS A 139 2.63 8.93 20.43
C LYS A 139 1.70 8.00 19.67
N GLN A 140 1.94 7.85 18.37
CA GLN A 140 1.12 7.01 17.52
C GLN A 140 1.89 5.73 17.19
N TRP A 141 1.26 4.58 17.44
CA TRP A 141 1.83 3.29 17.08
C TRP A 141 3.25 3.13 17.61
N ASN A 142 3.46 3.62 18.83
CA ASN A 142 4.70 3.39 19.55
C ASN A 142 4.58 2.02 20.22
N LEU A 143 5.40 1.04 19.78
CA LEU A 143 5.26 -0.34 20.30
C LEU A 143 5.46 -0.49 21.80
N GLY A 144 6.18 0.45 22.40
CA GLY A 144 6.30 0.46 23.88
C GLY A 144 5.04 0.86 24.63
N HIS A 145 4.04 1.41 23.93
CA HIS A 145 2.88 2.09 24.55
C HIS A 145 1.61 2.00 23.74
N LEU A 146 1.18 0.79 23.42
CA LEU A 146 0.07 0.63 22.52
C LEU A 146 -1.29 0.80 23.21
N GLY A 147 -1.31 0.61 24.51
CA GLY A 147 -2.56 0.80 25.31
C GLY A 147 -3.70 -0.19 25.07
N THR A 148 -3.38 -1.42 24.63
CA THR A 148 -4.39 -2.42 24.41
C THR A 148 -4.77 -3.10 25.74
N ILE A 149 -5.80 -3.95 25.71
CA ILE A 149 -6.26 -4.69 26.89
C ILE A 149 -5.24 -5.67 27.45
N GLN A 150 -4.17 -5.95 26.68
CA GLN A 150 -3.06 -6.71 27.22
C GLN A 150 -2.45 -6.01 28.46
N ASP A 151 -2.61 -4.69 28.57
CA ASP A 151 -2.10 -3.95 29.72
C ASP A 151 -2.67 -4.44 31.07
N LEU A 152 -3.80 -5.16 31.04
CA LEU A 152 -4.36 -5.78 32.27
C LEU A 152 -3.40 -6.77 32.93
N LEU A 153 -2.57 -7.43 32.12
CA LEU A 153 -1.68 -8.46 32.65
C LEU A 153 -0.76 -7.88 33.73
N GLU A 154 -0.10 -6.76 33.43
CA GLU A 154 0.72 -6.05 34.40
C GLU A 154 -0.13 -5.32 35.46
N LYS A 155 -1.12 -4.53 35.01
CA LYS A 155 -1.92 -3.67 35.88
C LYS A 155 -2.68 -4.49 36.93
N GLU A 156 -3.42 -5.50 36.47
CA GLU A 156 -4.24 -6.33 37.36
C GLU A 156 -3.50 -7.45 38.04
N CYS A 157 -2.62 -8.15 37.32
CA CYS A 157 -1.98 -9.34 37.88
C CYS A 157 -0.51 -9.19 38.26
N GLY A 158 0.08 -8.02 38.01
CA GLY A 158 1.50 -7.77 38.25
C GLY A 158 2.49 -8.63 37.47
N VAL A 159 2.05 -9.21 36.34
CA VAL A 159 2.89 -10.11 35.54
C VAL A 159 3.58 -9.32 34.41
N VAL A 160 4.89 -9.44 34.35
CA VAL A 160 5.69 -8.83 33.29
C VAL A 160 6.46 -9.98 32.63
N ILE A 161 6.28 -10.15 31.33
CA ILE A 161 6.99 -11.22 30.61
C ILE A 161 7.73 -10.51 29.48
N GLU A 162 9.05 -10.51 29.51
CA GLU A 162 9.85 -9.85 28.46
C GLU A 162 9.48 -10.29 27.06
N GLY A 163 9.28 -9.31 26.18
CA GLY A 163 8.89 -9.60 24.78
C GLY A 163 7.38 -9.71 24.57
N VAL A 164 6.62 -10.05 25.60
CA VAL A 164 5.16 -10.19 25.51
C VAL A 164 4.55 -8.83 25.80
N ASN A 165 4.74 -8.34 27.02
CA ASN A 165 4.27 -6.99 27.37
C ASN A 165 5.40 -5.99 27.62
N THR A 166 6.60 -6.32 27.10
CA THR A 166 7.69 -5.37 26.98
C THR A 166 8.28 -5.58 25.56
N PRO A 167 8.82 -4.54 24.93
CA PRO A 167 9.24 -4.72 23.53
C PRO A 167 10.58 -5.41 23.40
N TYR A 168 10.77 -6.07 22.25
CA TYR A 168 12.01 -6.73 21.88
C TYR A 168 12.61 -6.07 20.65
N LEU A 169 13.94 -5.96 20.62
CA LEU A 169 14.67 -5.60 19.38
C LEU A 169 15.29 -6.84 18.75
N TYR A 170 15.39 -6.82 17.43
CA TYR A 170 16.00 -7.88 16.65
C TYR A 170 16.96 -7.28 15.63
N PHE A 171 18.26 -7.48 15.83
CA PHE A 171 19.25 -7.11 14.83
C PHE A 171 19.49 -8.33 13.96
N GLY A 172 19.16 -8.24 12.68
CA GLY A 172 19.21 -9.39 11.80
C GLY A 172 20.31 -9.28 10.73
N MET A 173 20.57 -10.42 10.08
CA MET A 173 21.47 -10.47 8.93
C MET A 173 20.87 -11.47 7.96
N TRP A 174 21.43 -11.57 6.77
CA TRP A 174 20.97 -12.55 5.79
C TRP A 174 20.83 -13.94 6.43
N LYS A 175 19.68 -14.54 6.13
CA LYS A 175 19.39 -15.96 6.45
C LYS A 175 18.88 -16.14 7.89
N THR A 176 18.98 -15.09 8.73
CA THR A 176 18.47 -15.22 10.11
C THR A 176 16.95 -15.45 10.01
N THR A 177 16.43 -16.27 10.92
CA THR A 177 15.21 -16.99 10.65
C THR A 177 14.30 -17.00 11.86
N PHE A 178 13.00 -16.85 11.63
CA PHE A 178 12.01 -17.21 12.65
C PHE A 178 11.25 -18.43 12.21
N ALA A 179 11.26 -19.46 13.07
CA ALA A 179 10.59 -20.72 12.72
C ALA A 179 9.06 -20.62 12.80
N TRP A 180 8.33 -21.64 12.28
CA TRP A 180 6.85 -21.58 12.28
C TRP A 180 6.29 -21.57 13.70
N HIS A 181 5.40 -20.63 13.99
CA HIS A 181 4.81 -20.55 15.33
C HIS A 181 3.59 -19.64 15.30
N THR A 182 2.73 -19.78 16.33
CA THR A 182 1.83 -18.71 16.73
C THR A 182 2.44 -18.04 17.94
N GLU A 183 1.84 -16.93 18.38
CA GLU A 183 2.35 -16.25 19.53
C GLU A 183 1.99 -17.02 20.79
N ASP A 184 2.75 -16.80 21.84
CA ASP A 184 2.37 -17.36 23.15
C ASP A 184 0.92 -16.94 23.51
N MET A 185 0.14 -17.89 24.04
CA MET A 185 -1.27 -17.65 24.40
C MET A 185 -2.12 -17.22 23.19
N ASP A 186 -1.58 -17.48 22.01
CA ASP A 186 -2.17 -17.08 20.73
C ASP A 186 -2.51 -15.60 20.64
N LEU A 187 -1.67 -14.79 21.27
CA LEU A 187 -1.78 -13.32 21.22
C LEU A 187 -1.54 -12.79 19.78
N TYR A 188 -1.87 -11.51 19.53
CA TYR A 188 -1.42 -10.84 18.29
C TYR A 188 0.02 -10.52 18.49
N SER A 189 0.75 -10.26 17.39
CA SER A 189 2.02 -9.62 17.54
C SER A 189 2.07 -8.47 16.53
N ILE A 190 2.92 -7.51 16.82
CA ILE A 190 3.20 -6.39 15.88
C ILE A 190 4.70 -6.16 15.80
N ASN A 191 5.18 -5.92 14.58
CA ASN A 191 6.60 -5.91 14.28
C ASN A 191 6.83 -4.70 13.36
N TYR A 192 7.73 -3.80 13.78
CA TYR A 192 8.10 -2.62 13.01
C TYR A 192 9.52 -2.75 12.53
N LEU A 193 9.75 -2.63 11.21
CA LEU A 193 11.12 -2.68 10.68
C LEU A 193 11.74 -1.28 10.69
N HIS A 194 12.64 -1.04 11.62
CA HIS A 194 13.17 0.32 11.82
C HIS A 194 14.08 0.70 10.68
N LEU A 195 14.93 -0.22 10.25
CA LEU A 195 15.94 0.11 9.24
C LEU A 195 16.56 -1.11 8.60
N GLY A 196 17.21 -0.90 7.47
CA GLY A 196 17.98 -2.00 6.87
C GLY A 196 17.22 -2.75 5.81
N GLU A 197 17.68 -3.96 5.55
CA GLU A 197 17.14 -4.81 4.51
C GLU A 197 15.82 -5.49 4.90
N PRO A 198 15.07 -6.02 3.90
CA PRO A 198 13.73 -6.51 4.20
C PRO A 198 13.65 -7.75 5.08
N LYS A 199 12.43 -8.03 5.54
CA LYS A 199 12.09 -9.25 6.25
C LYS A 199 10.91 -9.90 5.50
N THR A 200 11.07 -11.16 5.12
CA THR A 200 10.04 -11.90 4.41
C THR A 200 9.27 -12.77 5.40
N TRP A 201 7.96 -12.81 5.22
CA TRP A 201 7.01 -13.57 6.07
C TRP A 201 6.19 -14.56 5.23
N TYR A 202 5.98 -15.75 5.80
CA TYR A 202 5.02 -16.74 5.32
C TYR A 202 3.96 -16.86 6.41
N VAL A 203 2.73 -17.08 6.02
CA VAL A 203 1.61 -17.16 7.00
C VAL A 203 0.55 -18.14 6.50
N VAL A 204 0.02 -18.92 7.43
CA VAL A 204 -1.07 -19.87 7.14
C VAL A 204 -2.27 -19.22 7.83
N PRO A 205 -3.42 -19.07 7.12
CA PRO A 205 -4.66 -18.50 7.69
C PRO A 205 -5.06 -19.29 8.95
N PRO A 206 -5.48 -18.61 10.03
CA PRO A 206 -5.91 -19.32 11.24
C PRO A 206 -6.84 -20.52 10.99
N GLU A 207 -7.76 -20.39 10.05
CA GLU A 207 -8.66 -21.48 9.76
C GLU A 207 -7.99 -22.78 9.31
N HIS A 208 -6.76 -22.67 8.86
CA HIS A 208 -5.98 -23.80 8.40
C HIS A 208 -4.81 -24.17 9.30
N GLY A 209 -4.70 -23.52 10.47
CA GLY A 209 -3.57 -23.75 11.38
C GLY A 209 -3.43 -25.23 11.74
N GLN A 210 -4.56 -25.90 11.98
CA GLN A 210 -4.45 -27.32 12.37
C GLN A 210 -3.80 -28.20 11.31
N ARG A 211 -3.99 -27.86 10.04
CA ARG A 211 -3.35 -28.56 8.93
C ARG A 211 -1.83 -28.41 8.97
N LEU A 212 -1.35 -27.23 9.38
CA LEU A 212 0.10 -27.06 9.57
C LEU A 212 0.63 -27.91 10.72
N GLU A 213 -0.11 -27.92 11.85
CA GLU A 213 0.26 -28.80 12.95
C GLU A 213 0.33 -30.28 12.53
N ARG A 214 -0.62 -30.73 11.71
CA ARG A 214 -0.66 -32.13 11.26
C ARG A 214 0.55 -32.40 10.38
N LEU A 215 0.82 -31.46 9.46
CA LEU A 215 2.02 -31.59 8.63
C LEU A 215 3.28 -31.67 9.48
N ALA A 216 3.39 -30.83 10.51
CA ALA A 216 4.61 -30.85 11.30
C ALA A 216 4.76 -32.24 11.97
N ARG A 217 3.65 -32.87 12.37
CA ARG A 217 3.72 -34.20 12.95
C ARG A 217 4.24 -35.21 11.91
N GLU A 218 3.86 -35.02 10.65
CA GLU A 218 4.29 -35.91 9.56
C GLU A 218 5.77 -35.71 9.24
N LEU A 219 6.27 -34.49 9.40
CA LEU A 219 7.61 -34.18 8.90
C LEU A 219 8.70 -34.33 9.94
N PHE A 220 8.33 -34.27 11.22
CA PHE A 220 9.33 -34.19 12.33
C PHE A 220 9.20 -35.38 13.29
N PRO A 221 9.98 -36.47 13.04
CA PRO A 221 9.73 -37.68 13.86
C PRO A 221 9.98 -37.42 15.33
N GLY A 222 9.10 -37.96 16.16
CA GLY A 222 9.24 -37.84 17.61
C GLY A 222 8.74 -36.51 18.11
N SER A 223 8.18 -35.69 17.21
CA SER A 223 7.76 -34.31 17.58
C SER A 223 6.73 -34.33 18.72
N SER A 224 5.94 -35.40 18.84
CA SER A 224 4.89 -35.45 19.87
C SER A 224 5.27 -36.19 21.13
N ARG A 225 6.48 -36.73 21.18
CA ARG A 225 6.89 -37.53 22.33
C ARG A 225 7.06 -36.59 23.51
N GLY A 226 6.15 -36.69 24.48
CA GLY A 226 6.26 -35.88 25.70
C GLY A 226 5.68 -34.48 25.63
N CYS A 227 5.07 -34.11 24.50
CA CYS A 227 4.52 -32.72 24.36
C CYS A 227 3.44 -32.64 23.29
N GLY A 228 2.33 -31.97 23.60
CA GLY A 228 1.26 -31.77 22.61
C GLY A 228 1.30 -30.48 21.79
N ALA A 229 2.35 -29.68 21.97
CA ALA A 229 2.41 -28.33 21.36
C ALA A 229 3.80 -28.08 20.73
N PHE A 230 4.25 -29.05 19.93
CA PHE A 230 5.61 -29.02 19.33
C PHE A 230 5.98 -27.69 18.69
N LEU A 231 5.07 -27.09 17.94
CA LEU A 231 5.41 -25.85 17.23
C LEU A 231 5.75 -24.69 18.18
N ARG A 232 5.30 -24.78 19.44
CA ARG A 232 5.69 -23.79 20.45
C ARG A 232 7.18 -23.78 20.75
N HIS A 233 7.85 -24.87 20.40
CA HIS A 233 9.29 -24.98 20.60
C HIS A 233 10.05 -24.12 19.58
N LYS A 234 9.39 -23.76 18.48
CA LYS A 234 9.97 -22.84 17.47
C LYS A 234 11.30 -23.41 16.90
N VAL A 235 11.29 -24.70 16.59
CA VAL A 235 12.45 -25.33 15.97
C VAL A 235 12.20 -25.78 14.52
N ALA A 236 10.95 -25.68 14.03
CA ALA A 236 10.57 -26.25 12.71
C ALA A 236 10.61 -25.24 11.54
N LEU A 237 11.42 -25.54 10.51
CA LEU A 237 11.47 -24.74 9.28
C LEU A 237 10.86 -25.58 8.19
N ILE A 238 9.85 -25.02 7.50
CA ILE A 238 9.17 -25.74 6.43
C ILE A 238 8.99 -24.80 5.25
N SER A 239 9.52 -25.20 4.08
CA SER A 239 9.56 -24.31 2.93
C SER A 239 8.20 -24.15 2.24
N PRO A 240 8.02 -23.08 1.46
CA PRO A 240 6.75 -22.92 0.75
C PRO A 240 6.53 -24.05 -0.25
N THR A 241 7.60 -24.60 -0.83
CA THR A 241 7.44 -25.73 -1.74
C THR A 241 6.78 -26.95 -1.04
N VAL A 242 7.22 -27.21 0.20
CA VAL A 242 6.70 -28.31 0.99
C VAL A 242 5.25 -28.03 1.41
N LEU A 243 4.95 -26.79 1.76
CA LEU A 243 3.56 -26.41 2.08
C LEU A 243 2.67 -26.66 0.86
N LYS A 244 3.12 -26.19 -0.30
CA LYS A 244 2.35 -26.39 -1.54
C LYS A 244 2.12 -27.88 -1.88
N GLU A 245 3.16 -28.69 -1.74
CA GLU A 245 3.10 -30.13 -2.08
C GLU A 245 2.14 -30.85 -1.16
N ASN A 246 1.95 -30.31 0.04
CA ASN A 246 1.09 -30.91 1.04
C ASN A 246 -0.27 -30.26 1.19
N GLY A 247 -0.60 -29.36 0.26
CA GLY A 247 -1.90 -28.67 0.20
C GLY A 247 -2.22 -27.72 1.33
N ILE A 248 -1.20 -27.18 1.98
CA ILE A 248 -1.44 -26.26 3.07
C ILE A 248 -1.55 -24.86 2.49
N PRO A 249 -2.72 -24.20 2.66
CA PRO A 249 -2.83 -22.84 2.16
C PRO A 249 -1.91 -21.89 2.91
N PHE A 250 -1.27 -20.97 2.19
CA PHE A 250 -0.40 -20.00 2.84
C PHE A 250 -0.23 -18.79 1.91
N ASN A 251 0.32 -17.72 2.46
CA ASN A 251 0.70 -16.57 1.67
C ASN A 251 2.07 -16.08 2.09
N ARG A 252 2.70 -15.27 1.22
CA ARG A 252 3.99 -14.71 1.55
CA ARG A 252 4.05 -14.72 1.47
C ARG A 252 3.96 -13.21 1.29
N ILE A 253 4.77 -12.46 2.03
CA ILE A 253 4.88 -11.01 1.80
C ILE A 253 6.21 -10.51 2.38
N THR A 254 6.79 -9.50 1.72
CA THR A 254 8.05 -8.91 2.21
C THR A 254 7.81 -7.55 2.82
N GLN A 255 8.30 -7.39 4.03
CA GLN A 255 8.23 -6.18 4.81
C GLN A 255 9.46 -5.32 4.55
N GLU A 256 9.23 -4.03 4.26
CA GLU A 256 10.31 -3.09 4.02
C GLU A 256 10.52 -2.21 5.22
N ALA A 257 11.68 -1.58 5.26
CA ALA A 257 11.98 -0.67 6.37
C ALA A 257 10.91 0.43 6.41
N GLY A 258 10.42 0.73 7.62
CA GLY A 258 9.36 1.75 7.79
C GLY A 258 7.95 1.19 7.78
N GLU A 259 7.81 -0.14 7.69
CA GLU A 259 6.49 -0.78 7.63
C GLU A 259 6.20 -1.65 8.86
N PHE A 260 4.92 -1.71 9.25
CA PHE A 260 4.47 -2.60 10.34
C PHE A 260 3.84 -3.84 9.78
N MET A 261 4.04 -4.98 10.47
CA MET A 261 3.27 -6.17 10.21
C MET A 261 2.55 -6.51 11.53
N VAL A 262 1.32 -6.96 11.43
CA VAL A 262 0.55 -7.49 12.56
C VAL A 262 0.22 -8.95 12.27
N THR A 263 0.48 -9.82 13.23
CA THR A 263 -0.05 -11.18 13.14
C THR A 263 -1.26 -11.29 14.06
N PHE A 264 -2.22 -12.11 13.65
CA PHE A 264 -3.49 -12.22 14.35
C PHE A 264 -3.52 -13.50 15.15
N PRO A 265 -4.41 -13.57 16.15
CA PRO A 265 -4.47 -14.81 16.95
C PRO A 265 -4.56 -16.09 16.11
N TYR A 266 -3.67 -17.03 16.45
CA TYR A 266 -3.55 -18.33 15.80
C TYR A 266 -3.14 -18.26 14.33
N GLY A 267 -2.47 -17.19 13.91
CA GLY A 267 -1.95 -17.10 12.55
C GLY A 267 -0.53 -17.59 12.61
N TYR A 268 -0.29 -18.80 12.11
CA TYR A 268 1.08 -19.35 12.11
C TYR A 268 1.91 -18.53 11.13
N HIS A 269 3.15 -18.20 11.50
CA HIS A 269 4.04 -17.47 10.60
C HIS A 269 5.48 -17.92 10.77
N ALA A 270 6.33 -17.59 9.80
CA ALA A 270 7.74 -17.94 9.87
C ALA A 270 8.35 -17.00 8.84
N GLY A 271 9.66 -16.86 8.84
CA GLY A 271 10.25 -16.10 7.73
C GLY A 271 11.72 -15.86 7.94
N PHE A 272 12.27 -14.85 7.25
CA PHE A 272 13.71 -14.65 7.30
C PHE A 272 14.10 -13.22 6.91
N ASN A 273 15.29 -12.82 7.31
CA ASN A 273 15.78 -11.48 6.99
C ASN A 273 16.69 -11.53 5.77
N HIS A 274 16.63 -10.47 4.95
CA HIS A 274 17.39 -10.45 3.67
C HIS A 274 18.85 -10.01 3.85
N GLY A 275 19.14 -9.28 4.91
CA GLY A 275 20.49 -8.71 5.13
C GLY A 275 20.46 -7.96 6.43
N PHE A 276 21.48 -7.16 6.72
CA PHE A 276 21.48 -6.41 7.99
C PHE A 276 20.21 -5.56 8.17
N ASN A 277 19.58 -5.72 9.33
CA ASN A 277 18.40 -4.92 9.64
C ASN A 277 18.14 -4.82 11.14
N CYS A 278 17.12 -4.04 11.51
CA CYS A 278 16.73 -3.90 12.90
C CYS A 278 15.22 -3.79 12.96
N ALA A 279 14.59 -4.72 13.67
CA ALA A 279 13.14 -4.71 13.85
C ALA A 279 12.83 -4.65 15.34
N GLU A 280 11.62 -4.22 15.65
CA GLU A 280 11.15 -4.20 17.05
C GLU A 280 9.77 -4.82 17.09
N ALA A 281 9.47 -5.61 18.13
CA ALA A 281 8.18 -6.26 18.11
C ALA A 281 7.67 -6.42 19.52
N ILE A 282 6.37 -6.66 19.63
CA ILE A 282 5.73 -6.90 20.95
C ILE A 282 4.43 -7.65 20.71
N ASN A 283 3.92 -8.36 21.72
CA ASN A 283 2.58 -8.87 21.64
C ASN A 283 1.54 -7.81 22.05
N PHE A 284 0.31 -7.99 21.61
CA PHE A 284 -0.81 -7.20 22.14
C PHE A 284 -2.08 -8.05 22.12
N ALA A 285 -3.16 -7.54 22.69
CA ALA A 285 -4.41 -8.28 22.73
C ALA A 285 -5.55 -7.35 22.42
N THR A 286 -6.71 -7.94 22.11
CA THR A 286 -7.95 -7.19 21.92
C THR A 286 -9.06 -8.04 22.56
N PRO A 287 -10.27 -7.47 22.70
CA PRO A 287 -11.34 -8.31 23.21
C PRO A 287 -11.59 -9.59 22.38
N ARG A 288 -11.44 -9.53 21.05
CA ARG A 288 -11.63 -10.68 20.20
C ARG A 288 -10.62 -11.79 20.52
N TRP A 289 -9.45 -11.42 21.07
CA TRP A 289 -8.41 -12.42 21.38
C TRP A 289 -8.82 -13.31 22.57
N ILE A 290 -9.67 -12.78 23.44
CA ILE A 290 -9.89 -13.50 24.70
C ILE A 290 -10.25 -14.97 24.48
N ASP A 291 -11.16 -15.25 23.56
CA ASP A 291 -11.58 -16.63 23.36
C ASP A 291 -10.48 -17.50 22.74
N TYR A 292 -9.57 -16.88 21.99
CA TYR A 292 -8.34 -17.58 21.60
C TYR A 292 -7.39 -17.87 22.74
N GLY A 293 -7.21 -16.90 23.64
CA GLY A 293 -6.42 -17.10 24.84
C GLY A 293 -6.91 -18.31 25.66
N LYS A 294 -8.24 -18.44 25.79
CA LYS A 294 -8.86 -19.58 26.49
C LYS A 294 -8.47 -20.93 25.87
N MET A 295 -8.39 -20.94 24.53
CA MET A 295 -8.23 -22.17 23.74
C MET A 295 -6.74 -22.53 23.51
N ALA A 296 -5.84 -21.58 23.72
CA ALA A 296 -4.44 -21.73 23.26
C ALA A 296 -3.81 -22.99 23.83
N SER A 297 -3.12 -23.75 22.98
CA SER A 297 -2.36 -24.90 23.44
C SER A 297 -1.22 -24.43 24.33
N GLN A 298 -0.74 -25.34 25.17
CA GLN A 298 0.39 -25.04 26.04
C GLN A 298 1.40 -26.19 25.97
N CYS A 299 2.66 -25.82 25.86
CA CYS A 299 3.76 -26.78 25.90
C CYS A 299 3.77 -27.46 27.27
N SER A 300 3.88 -28.79 27.28
CA SER A 300 3.87 -29.55 28.53
C SER A 300 5.16 -30.33 28.78
N CYS A 301 6.28 -29.80 28.28
CA CYS A 301 7.59 -30.43 28.49
C CYS A 301 8.62 -29.48 29.05
N GLY A 302 8.24 -28.24 29.32
CA GLY A 302 9.17 -27.25 29.86
C GLY A 302 10.02 -26.48 28.85
N GLU A 303 9.83 -26.73 27.56
CA GLU A 303 10.59 -26.01 26.52
C GLU A 303 10.11 -24.57 26.31
N ALA A 304 8.80 -24.38 26.24
CA ALA A 304 8.17 -23.09 25.98
C ALA A 304 7.24 -22.78 27.16
N ARG A 305 7.73 -21.98 28.11
CA ARG A 305 7.02 -21.83 29.36
C ARG A 305 6.24 -20.54 29.54
N VAL A 306 6.10 -19.75 28.47
CA VAL A 306 5.32 -18.50 28.57
C VAL A 306 3.82 -18.82 28.63
N THR A 307 3.24 -18.58 29.81
CA THR A 307 1.81 -18.75 29.99
C THR A 307 1.33 -17.78 31.07
N PHE A 308 0.03 -17.50 31.05
CA PHE A 308 -0.61 -16.74 32.13
C PHE A 308 -2.07 -17.12 32.25
N SER A 309 -2.69 -16.78 33.38
CA SER A 309 -4.08 -17.11 33.59
C SER A 309 -5.01 -16.19 32.79
N MET A 310 -6.10 -16.74 32.28
CA MET A 310 -7.08 -15.89 31.59
C MET A 310 -8.05 -15.22 32.57
N ASP A 311 -7.92 -15.51 33.86
CA ASP A 311 -8.96 -15.07 34.83
C ASP A 311 -9.30 -13.59 34.75
N ALA A 312 -8.30 -12.72 34.93
CA ALA A 312 -8.57 -11.28 34.88
C ALA A 312 -9.26 -10.81 33.60
N PHE A 313 -8.85 -11.34 32.45
CA PHE A 313 -9.45 -10.96 31.19
C PHE A 313 -10.93 -11.33 31.09
N VAL A 314 -11.28 -12.52 31.52
CA VAL A 314 -12.67 -12.93 31.45
C VAL A 314 -13.44 -12.13 32.50
N ARG A 315 -12.86 -12.00 33.68
CA ARG A 315 -13.54 -11.36 34.83
C ARG A 315 -13.92 -9.92 34.49
N ILE A 316 -12.96 -9.18 33.93
CA ILE A 316 -13.15 -7.75 33.63
C ILE A 316 -13.83 -7.45 32.29
N LEU A 317 -13.46 -8.18 31.24
CA LEU A 317 -13.95 -7.89 29.89
C LEU A 317 -15.05 -8.78 29.35
N GLN A 318 -15.32 -9.89 30.05
CA GLN A 318 -16.42 -10.76 29.70
C GLN A 318 -17.26 -11.08 30.98
N PRO A 319 -17.68 -10.02 31.71
CA PRO A 319 -18.39 -10.24 33.00
C PRO A 319 -19.59 -11.20 32.90
N GLU A 320 -20.32 -11.14 31.78
CA GLU A 320 -21.53 -11.97 31.59
C GLU A 320 -21.25 -13.41 31.28
N ARG A 321 -19.99 -13.73 30.96
CA ARG A 321 -19.59 -15.10 30.74
C ARG A 321 -18.65 -15.64 31.81
N TYR A 322 -18.36 -14.84 32.83
CA TYR A 322 -17.31 -15.19 33.79
C TYR A 322 -17.70 -16.42 34.61
N ASP A 323 -18.98 -16.50 35.03
CA ASP A 323 -19.43 -17.65 35.79
C ASP A 323 -19.44 -18.94 34.95
N LEU A 324 -19.87 -18.82 33.70
CA LEU A 324 -19.88 -19.91 32.75
C LEU A 324 -18.44 -20.41 32.51
N TRP A 325 -17.54 -19.46 32.30
CA TRP A 325 -16.10 -19.77 32.12
C TRP A 325 -15.53 -20.49 33.34
N LYS A 326 -15.78 -19.96 34.54
CA LYS A 326 -15.27 -20.59 35.77
C LYS A 326 -15.80 -22.02 35.92
N ARG A 327 -17.03 -22.26 35.50
CA ARG A 327 -17.62 -23.58 35.61
C ARG A 327 -16.88 -24.60 34.75
N GLY A 328 -16.51 -24.18 33.55
CA GLY A 328 -15.69 -24.97 32.65
C GLY A 328 -14.28 -25.19 33.15
N GLN A 329 -13.73 -24.25 33.91
CA GLN A 329 -12.41 -24.43 34.54
C GLN A 329 -12.37 -25.52 35.63
N ASP A 330 -13.48 -25.72 36.33
CA ASP A 330 -13.58 -26.83 37.27
C ASP A 330 -14.83 -27.69 37.01
N GLN B 1 -19.98 -3.22 -1.09
CA GLN B 1 -18.50 -3.02 -1.05
C GLN B 1 -18.24 -1.52 -1.09
N ASN B 2 -17.35 -1.04 -0.23
CA ASN B 2 -17.02 0.39 -0.22
C ASN B 2 -18.27 1.33 -0.14
N PRO B 3 -19.11 1.18 0.91
CA PRO B 3 -20.30 2.04 0.94
C PRO B 3 -20.01 3.54 1.17
N ASN B 4 -18.87 3.84 1.83
CA ASN B 4 -18.48 5.22 2.14
C ASN B 4 -17.71 5.91 1.01
N CYS B 5 -17.52 5.19 -0.10
CA CYS B 5 -16.84 5.72 -1.29
C CYS B 5 -15.39 6.19 -1.00
N ASN B 6 -14.65 5.44 -0.18
CA ASN B 6 -13.27 5.78 0.14
C ASN B 6 -12.37 5.44 -1.05
N ILE B 7 -11.30 6.20 -1.26
CA ILE B 7 -10.32 5.90 -2.32
C ILE B 7 -9.55 4.67 -1.88
N MET B 8 -9.58 3.62 -2.70
CA MET B 8 -8.91 2.37 -2.31
C MET B 8 -7.52 2.34 -2.91
N ILE B 9 -6.62 1.64 -2.25
CA ILE B 9 -5.22 1.54 -2.68
C ILE B 9 -4.89 0.06 -2.78
N PHE B 10 -4.41 -0.33 -3.96
CA PHE B 10 -4.16 -1.72 -4.34
C PHE B 10 -2.69 -1.99 -4.51
N HIS B 11 -2.30 -3.21 -4.10
CA HIS B 11 -0.93 -3.69 -4.30
C HIS B 11 -0.96 -5.03 -5.02
N PRO B 12 -1.15 -5.00 -6.35
CA PRO B 12 -1.14 -6.26 -7.11
C PRO B 12 0.21 -6.99 -7.03
N THR B 13 0.16 -8.30 -6.88
CA THR B 13 1.39 -9.12 -7.01
C THR B 13 1.83 -9.15 -8.48
N LYS B 14 3.03 -9.65 -8.77
CA LYS B 14 3.48 -9.80 -10.16
C LYS B 14 2.50 -10.62 -11.04
N GLU B 15 1.94 -11.71 -10.48
CA GLU B 15 1.03 -12.55 -11.26
C GLU B 15 -0.31 -11.85 -11.54
N GLU B 16 -0.75 -10.96 -10.64
CA GLU B 16 -1.99 -10.19 -10.80
CA GLU B 16 -2.01 -10.24 -10.90
C GLU B 16 -1.81 -8.95 -11.70
N PHE B 17 -0.55 -8.68 -12.07
CA PHE B 17 -0.19 -7.50 -12.86
C PHE B 17 -0.11 -7.82 -14.37
N ASN B 18 -0.45 -9.06 -14.72
CA ASN B 18 -0.38 -9.49 -16.12
C ASN B 18 -1.55 -9.18 -17.00
N ASP B 19 -2.72 -9.04 -16.44
CA ASP B 19 -3.93 -8.84 -17.25
C ASP B 19 -4.58 -7.59 -16.74
N PHE B 20 -4.44 -6.51 -17.50
CA PHE B 20 -4.91 -5.19 -17.04
C PHE B 20 -6.44 -5.17 -16.79
N ASP B 21 -7.20 -5.63 -17.77
CA ASP B 21 -8.64 -5.63 -17.62
C ASP B 21 -9.14 -6.45 -16.45
N LYS B 22 -8.54 -7.62 -16.24
CA LYS B 22 -8.92 -8.51 -15.16
C LYS B 22 -8.73 -7.82 -13.79
N TYR B 23 -7.62 -7.12 -13.63
CA TYR B 23 -7.35 -6.44 -12.35
C TYR B 23 -8.27 -5.24 -12.16
N ILE B 24 -8.56 -4.49 -13.23
CA ILE B 24 -9.58 -3.42 -13.12
C ILE B 24 -10.91 -4.01 -12.63
N ALA B 25 -11.34 -5.13 -13.22
CA ALA B 25 -12.59 -5.78 -12.81
C ALA B 25 -12.53 -6.21 -11.36
N TYR B 26 -11.37 -6.71 -10.94
CA TYR B 26 -11.17 -7.10 -9.55
C TYR B 26 -11.31 -5.90 -8.62
N MET B 27 -10.65 -4.78 -8.96
CA MET B 27 -10.78 -3.60 -8.12
C MET B 27 -12.24 -3.18 -7.99
N GLU B 28 -12.96 -3.29 -9.10
CA GLU B 28 -14.39 -2.95 -9.11
C GLU B 28 -15.25 -3.93 -8.27
N SER B 29 -14.86 -5.19 -8.21
CA SER B 29 -15.55 -6.14 -7.34
C SER B 29 -15.42 -5.76 -5.86
N GLN B 30 -14.36 -5.02 -5.53
CA GLN B 30 -14.09 -4.55 -4.18
C GLN B 30 -14.68 -3.17 -3.93
N GLY B 31 -15.30 -2.59 -4.97
CA GLY B 31 -16.04 -1.34 -4.83
C GLY B 31 -15.18 -0.10 -5.08
N ALA B 32 -14.04 -0.31 -5.70
CA ALA B 32 -13.07 0.80 -5.93
C ALA B 32 -13.71 1.92 -6.75
N HIS B 33 -14.54 1.55 -7.72
CA HIS B 33 -15.10 2.57 -8.61
C HIS B 33 -16.05 3.54 -7.90
N ARG B 34 -16.60 3.15 -6.74
CA ARG B 34 -17.56 3.98 -6.02
C ARG B 34 -16.92 5.32 -5.62
N ALA B 35 -15.61 5.32 -5.38
CA ALA B 35 -14.87 6.55 -4.96
C ALA B 35 -14.63 7.50 -6.13
N GLY B 36 -14.57 6.93 -7.34
CA GLY B 36 -14.22 7.69 -8.55
C GLY B 36 -12.75 7.69 -8.91
N LEU B 37 -11.93 7.24 -7.96
CA LEU B 37 -10.49 7.24 -8.12
C LEU B 37 -9.89 6.14 -7.25
N ALA B 38 -8.88 5.45 -7.77
CA ALA B 38 -8.11 4.44 -6.99
C ALA B 38 -6.61 4.63 -7.25
N LYS B 39 -5.77 4.19 -6.29
CA LYS B 39 -4.35 4.12 -6.47
C LYS B 39 -3.88 2.69 -6.58
N ILE B 40 -2.92 2.46 -7.47
CA ILE B 40 -2.35 1.14 -7.67
C ILE B 40 -0.85 1.28 -7.59
N ILE B 41 -0.31 0.61 -6.57
CA ILE B 41 1.12 0.59 -6.37
C ILE B 41 1.65 -0.71 -6.99
N PRO B 42 2.54 -0.59 -7.99
CA PRO B 42 2.95 -1.77 -8.71
C PRO B 42 3.85 -2.67 -7.86
N PRO B 43 3.99 -3.94 -8.28
CA PRO B 43 4.89 -4.82 -7.51
C PRO B 43 6.30 -4.23 -7.44
N LYS B 44 6.99 -4.54 -6.33
CA LYS B 44 8.28 -3.94 -6.02
C LYS B 44 9.28 -3.93 -7.16
N GLU B 45 9.36 -5.04 -7.91
CA GLU B 45 10.36 -5.20 -8.98
C GLU B 45 9.93 -4.72 -10.38
N TRP B 46 8.68 -4.28 -10.52
CA TRP B 46 8.20 -3.79 -11.81
C TRP B 46 8.87 -2.42 -12.09
N LYS B 47 9.23 -2.18 -13.36
CA LYS B 47 9.75 -0.86 -13.76
C LYS B 47 9.06 -0.41 -15.04
N ALA B 48 8.78 0.89 -15.17
CA ALA B 48 8.23 1.41 -16.43
C ALA B 48 9.32 1.42 -17.51
N ARG B 49 10.52 1.81 -17.12
CA ARG B 49 11.70 1.73 -18.02
C ARG B 49 12.97 1.61 -17.18
N GLU B 50 14.11 1.30 -17.82
CA GLU B 50 15.34 1.05 -17.05
C GLU B 50 15.86 2.32 -16.36
N THR B 51 16.01 3.44 -17.11
CA THR B 51 16.45 4.72 -16.52
C THR B 51 15.79 5.91 -17.21
N TYR B 52 15.86 7.07 -16.57
CA TYR B 52 15.38 8.31 -17.18
C TYR B 52 16.56 9.24 -17.51
N ASP B 53 17.71 8.66 -17.83
CA ASP B 53 18.94 9.41 -17.96
C ASP B 53 18.91 10.46 -19.07
N ASN B 54 18.08 10.24 -20.06
CA ASN B 54 18.03 11.09 -21.23
C ASN B 54 16.75 11.93 -21.34
N ILE B 55 16.05 12.09 -20.24
CA ILE B 55 14.75 12.78 -20.25
C ILE B 55 14.94 14.26 -20.57
N SER B 56 16.07 14.81 -20.14
CA SER B 56 16.35 16.24 -20.25
CA SER B 56 16.38 16.24 -20.25
C SER B 56 16.41 16.72 -21.71
N GLU B 57 16.66 15.81 -22.64
CA GLU B 57 16.75 16.21 -24.06
C GLU B 57 15.39 16.42 -24.74
N ILE B 58 14.31 15.90 -24.16
CA ILE B 58 12.98 15.96 -24.80
C ILE B 58 12.62 17.43 -25.01
N LEU B 59 12.11 17.78 -26.18
CA LEU B 59 11.74 19.19 -26.39
C LEU B 59 10.25 19.38 -26.16
N ILE B 60 9.90 20.29 -25.25
CA ILE B 60 8.49 20.62 -24.98
C ILE B 60 8.11 21.71 -25.97
N ALA B 61 7.33 21.35 -27.00
CA ALA B 61 7.04 22.31 -28.11
C ALA B 61 6.26 23.55 -27.66
N THR B 62 5.28 23.35 -26.76
CA THR B 62 4.31 24.42 -26.41
C THR B 62 3.99 24.35 -24.91
N PRO B 63 4.94 24.82 -24.09
CA PRO B 63 4.59 24.94 -22.68
C PRO B 63 3.47 25.97 -22.47
N LEU B 64 2.68 25.76 -21.41
CA LEU B 64 1.49 26.57 -21.20
C LEU B 64 1.51 27.25 -19.84
N GLN B 65 1.40 28.58 -19.84
CA GLN B 65 1.32 29.36 -18.61
C GLN B 65 -0.13 29.28 -18.15
N GLN B 66 -0.36 28.88 -16.90
CA GLN B 66 -1.71 28.65 -16.40
C GLN B 66 -2.14 29.82 -15.51
N VAL B 67 -2.90 30.76 -16.07
CA VAL B 67 -3.22 32.00 -15.34
C VAL B 67 -4.58 31.86 -14.66
N ALA B 68 -4.60 31.93 -13.33
CA ALA B 68 -5.85 31.78 -12.61
C ALA B 68 -6.35 33.14 -12.15
N SER B 69 -7.66 33.32 -12.21
CA SER B 69 -8.29 34.58 -11.80
C SER B 69 -9.42 34.22 -10.83
N GLY B 70 -9.45 34.87 -9.68
CA GLY B 70 -10.55 34.62 -8.75
C GLY B 70 -10.04 34.82 -7.36
N ARG B 71 -10.75 34.22 -6.40
CA ARG B 71 -10.45 34.38 -4.98
C ARG B 71 -11.25 33.38 -4.16
N ALA B 72 -10.83 33.22 -2.91
CA ALA B 72 -11.54 32.45 -1.88
C ALA B 72 -11.93 31.06 -2.37
N GLY B 73 -10.96 30.38 -2.99
CA GLY B 73 -11.16 28.99 -3.43
C GLY B 73 -11.93 28.80 -4.74
N VAL B 74 -12.21 29.89 -5.47
CA VAL B 74 -13.03 29.81 -6.74
C VAL B 74 -12.29 30.58 -7.82
N PHE B 75 -11.82 29.88 -8.87
CA PHE B 75 -11.00 30.51 -9.91
C PHE B 75 -11.39 29.98 -11.27
N THR B 76 -11.15 30.77 -12.32
CA THR B 76 -11.10 30.21 -13.64
C THR B 76 -9.64 30.25 -14.08
N GLN B 77 -9.24 29.30 -14.91
CA GLN B 77 -7.89 29.39 -15.47
C GLN B 77 -7.87 29.36 -16.99
N TYR B 78 -6.93 30.06 -17.57
CA TYR B 78 -6.79 29.94 -19.03
C TYR B 78 -5.32 29.72 -19.29
N HIS B 79 -5.01 29.24 -20.49
CA HIS B 79 -3.63 28.90 -20.81
C HIS B 79 -3.09 29.87 -21.87
N LYS B 80 -1.86 30.33 -21.66
CA LYS B 80 -1.12 31.13 -22.63
C LYS B 80 0.08 30.32 -23.13
N LYS B 81 0.23 30.22 -24.46
CA LYS B 81 1.38 29.51 -25.05
C LYS B 81 2.71 30.23 -24.81
N LYS B 82 3.75 29.45 -24.51
CA LYS B 82 5.07 30.02 -24.30
C LYS B 82 6.02 29.37 -25.29
N LYS B 83 7.22 29.93 -25.40
CA LYS B 83 8.24 29.44 -26.35
C LYS B 83 8.69 28.02 -25.96
N ALA B 84 9.02 27.20 -26.97
CA ALA B 84 9.55 25.85 -26.74
C ALA B 84 10.76 25.86 -25.80
N MET B 85 10.92 24.77 -25.03
CA MET B 85 12.09 24.58 -24.17
C MET B 85 12.29 23.10 -23.93
N THR B 86 13.52 22.70 -23.62
CA THR B 86 13.77 21.30 -23.32
C THR B 86 13.32 20.97 -21.89
N VAL B 87 13.15 19.68 -21.60
CA VAL B 87 12.82 19.23 -20.23
C VAL B 87 13.90 19.71 -19.26
N GLY B 88 15.15 19.68 -19.71
CA GLY B 88 16.26 20.19 -18.90
C GLY B 88 16.09 21.66 -18.51
N GLU B 89 15.70 22.48 -19.48
CA GLU B 89 15.46 23.90 -19.30
C GLU B 89 14.22 24.08 -18.42
N TYR B 90 13.19 23.26 -18.68
CA TYR B 90 11.96 23.31 -17.89
C TYR B 90 12.23 22.99 -16.40
N ARG B 91 13.03 21.97 -16.13
CA ARG B 91 13.37 21.60 -14.78
C ARG B 91 14.07 22.74 -14.08
N HIS B 92 15.01 23.34 -14.76
CA HIS B 92 15.74 24.50 -14.21
C HIS B 92 14.77 25.62 -13.83
N LEU B 93 13.80 25.87 -14.70
CA LEU B 93 12.84 26.93 -14.51
C LEU B 93 11.96 26.56 -13.29
N ALA B 94 11.51 25.30 -13.22
CA ALA B 94 10.67 24.82 -12.11
C ALA B 94 11.37 25.03 -10.77
N ASN B 95 12.68 24.84 -10.76
CA ASN B 95 13.47 24.93 -9.52
C ASN B 95 14.02 26.31 -9.19
N SER B 96 13.75 27.28 -10.08
CA SER B 96 14.17 28.66 -9.88
C SER B 96 13.38 29.32 -8.74
N LYS B 97 13.92 30.41 -8.18
CA LYS B 97 13.26 31.09 -7.04
C LYS B 97 11.78 31.43 -7.31
N LYS B 98 11.49 31.96 -8.50
CA LYS B 98 10.12 32.33 -8.87
C LYS B 98 9.13 31.15 -8.75
N TYR B 99 9.53 29.99 -9.24
CA TYR B 99 8.60 28.90 -9.46
C TYR B 99 8.72 27.72 -8.48
N GLN B 100 9.76 27.71 -7.69
CA GLN B 100 10.00 26.57 -6.83
C GLN B 100 8.93 26.38 -5.73
N THR B 101 8.76 25.15 -5.33
CA THR B 101 7.86 24.81 -4.24
C THR B 101 8.20 25.64 -3.00
N PRO B 102 7.20 26.24 -2.39
CA PRO B 102 7.50 27.06 -1.21
C PRO B 102 7.91 26.16 -0.02
N PRO B 103 8.73 26.71 0.88
CA PRO B 103 8.99 25.94 2.11
C PRO B 103 7.66 25.69 2.84
N HIS B 104 7.50 24.47 3.36
CA HIS B 104 6.24 24.09 4.02
C HIS B 104 6.48 23.03 5.09
N GLN B 105 5.57 22.93 6.06
CA GLN B 105 5.79 22.02 7.20
C GLN B 105 5.33 20.60 6.93
N ASN B 106 4.30 20.49 6.09
CA ASN B 106 3.64 19.21 5.80
C ASN B 106 2.67 19.41 4.64
N PHE B 107 1.95 18.34 4.29
CA PHE B 107 1.03 18.44 3.15
C PHE B 107 -0.06 19.49 3.40
N GLU B 108 -0.60 19.49 4.60
CA GLU B 108 -1.70 20.40 4.92
C GLU B 108 -1.27 21.85 4.67
N ASP B 109 -0.04 22.18 5.05
CA ASP B 109 0.50 23.52 4.85
C ASP B 109 0.68 23.83 3.33
N LEU B 110 1.25 22.88 2.61
CA LEU B 110 1.45 23.03 1.16
C LEU B 110 0.09 23.22 0.44
N GLU B 111 -0.91 22.42 0.81
CA GLU B 111 -2.26 22.58 0.23
C GLU B 111 -2.88 23.95 0.56
N ARG B 112 -2.70 24.43 1.80
CA ARG B 112 -3.19 25.75 2.16
C ARG B 112 -2.56 26.84 1.27
N LYS B 113 -1.23 26.72 1.07
CA LYS B 113 -0.49 27.65 0.23
C LYS B 113 -0.95 27.59 -1.25
N TYR B 114 -1.17 26.37 -1.74
CA TYR B 114 -1.66 26.22 -3.12
C TYR B 114 -2.93 27.07 -3.31
N TRP B 115 -3.90 26.89 -2.41
CA TRP B 115 -5.18 27.56 -2.59
C TRP B 115 -5.12 29.05 -2.29
N LYS B 116 -4.37 29.41 -1.25
CA LYS B 116 -4.30 30.79 -0.82
C LYS B 116 -3.64 31.67 -1.87
N ASN B 117 -2.61 31.14 -2.52
CA ASN B 117 -1.77 31.95 -3.40
C ASN B 117 -1.91 31.63 -4.87
N ARG B 118 -3.03 31.01 -5.28
CA ARG B 118 -3.17 30.48 -6.66
C ARG B 118 -3.01 31.57 -7.71
N ILE B 119 -3.42 32.81 -7.41
CA ILE B 119 -3.26 33.87 -8.44
C ILE B 119 -1.83 34.30 -8.78
N TYR B 120 -0.88 34.01 -7.90
CA TYR B 120 0.46 34.57 -8.03
C TYR B 120 1.36 33.65 -8.82
N ASN B 121 2.29 34.23 -9.58
CA ASN B 121 3.36 33.45 -10.24
C ASN B 121 2.81 32.32 -11.08
N SER B 122 1.89 32.67 -11.98
CA SER B 122 1.24 31.67 -12.89
C SER B 122 2.26 30.62 -13.36
N PRO B 123 2.02 29.33 -13.02
CA PRO B 123 3.02 28.33 -13.32
C PRO B 123 2.99 27.92 -14.79
N ILE B 124 4.08 27.35 -15.30
CA ILE B 124 4.16 26.86 -16.69
C ILE B 124 4.01 25.33 -16.69
N TYR B 125 3.08 24.79 -17.47
CA TYR B 125 2.81 23.34 -17.46
C TYR B 125 3.20 22.77 -18.82
N GLY B 126 4.08 21.78 -18.82
CA GLY B 126 4.40 21.06 -20.08
C GLY B 126 3.39 19.96 -20.32
N ALA B 127 2.15 20.32 -20.58
CA ALA B 127 1.05 19.35 -20.62
C ALA B 127 0.71 18.87 -22.03
N ASP B 128 -0.05 17.78 -22.09
CA ASP B 128 -0.71 17.35 -23.35
C ASP B 128 0.28 17.07 -24.48
N ILE B 129 1.40 16.43 -24.14
CA ILE B 129 2.44 16.12 -25.12
C ILE B 129 2.23 14.71 -25.62
N SER B 130 2.01 14.53 -26.93
CA SER B 130 1.88 13.19 -27.48
CA SER B 130 1.89 13.20 -27.49
C SER B 130 3.18 12.38 -27.32
N GLY B 131 3.13 11.29 -26.56
CA GLY B 131 4.34 10.48 -26.37
C GLY B 131 4.24 9.59 -25.16
N SER B 132 5.25 8.77 -24.98
CA SER B 132 5.26 7.79 -23.88
C SER B 132 6.68 7.55 -23.49
N LEU B 133 6.89 7.29 -22.21
CA LEU B 133 8.22 6.92 -21.71
C LEU B 133 8.31 5.45 -21.31
N PHE B 134 7.26 4.66 -21.49
CA PHE B 134 7.35 3.24 -21.14
C PHE B 134 8.25 2.53 -22.15
N ASP B 135 9.10 1.63 -21.66
CA ASP B 135 9.94 0.84 -22.55
C ASP B 135 9.03 -0.12 -23.33
N GLU B 136 9.32 -0.33 -24.62
CA GLU B 136 8.59 -1.33 -25.43
C GLU B 136 8.58 -2.69 -24.73
N ASN B 137 9.65 -2.99 -23.98
CA ASN B 137 9.77 -4.30 -23.31
C ASN B 137 8.97 -4.45 -22.01
N THR B 138 8.38 -3.34 -21.53
CA THR B 138 7.46 -3.42 -20.41
C THR B 138 6.10 -3.88 -20.91
N LYS B 139 5.73 -5.10 -20.53
CA LYS B 139 4.50 -5.73 -21.01
C LYS B 139 3.35 -5.57 -20.04
N GLN B 140 3.67 -5.24 -18.79
CA GLN B 140 2.63 -5.13 -17.76
C GLN B 140 2.31 -3.68 -17.49
N TRP B 141 1.03 -3.30 -17.64
CA TRP B 141 0.59 -1.91 -17.33
C TRP B 141 1.37 -0.85 -18.09
N ASN B 142 1.66 -1.17 -19.36
CA ASN B 142 2.31 -0.23 -20.23
C ASN B 142 1.19 0.65 -20.82
N LEU B 143 1.18 1.95 -20.48
CA LEU B 143 0.07 2.83 -20.89
C LEU B 143 -0.14 2.93 -22.40
N GLY B 144 0.90 2.68 -23.19
CA GLY B 144 0.75 2.65 -24.64
C GLY B 144 0.08 1.42 -25.21
N HIS B 145 -0.15 0.40 -24.38
CA HIS B 145 -0.62 -0.95 -24.82
C HIS B 145 -1.43 -1.70 -23.76
N LEU B 146 -2.44 -1.04 -23.19
CA LEU B 146 -3.28 -1.64 -22.18
C LEU B 146 -4.18 -2.78 -22.68
N GLY B 147 -4.56 -2.73 -23.96
CA GLY B 147 -5.41 -3.79 -24.57
C GLY B 147 -6.87 -3.85 -24.15
N THR B 148 -7.46 -2.71 -23.76
CA THR B 148 -8.85 -2.70 -23.30
C THR B 148 -9.78 -2.58 -24.52
N ILE B 149 -11.09 -2.71 -24.29
CA ILE B 149 -12.08 -2.56 -25.38
C ILE B 149 -12.08 -1.19 -26.06
N GLN B 150 -11.42 -0.19 -25.43
CA GLN B 150 -11.27 1.11 -26.10
C GLN B 150 -10.55 0.93 -27.42
N ASP B 151 -9.78 -0.15 -27.55
CA ASP B 151 -9.04 -0.42 -28.76
C ASP B 151 -9.96 -0.55 -30.01
N LEU B 152 -11.23 -0.88 -29.80
CA LEU B 152 -12.23 -0.92 -30.89
C LEU B 152 -12.34 0.39 -31.65
N LEU B 153 -12.13 1.51 -30.95
CA LEU B 153 -12.22 2.82 -31.56
C LEU B 153 -11.30 2.96 -32.79
N GLU B 154 -10.03 2.63 -32.63
CA GLU B 154 -9.11 2.64 -33.77
C GLU B 154 -9.30 1.43 -34.71
N LYS B 155 -9.51 0.25 -34.14
CA LYS B 155 -9.58 -0.99 -34.93
C LYS B 155 -10.84 -1.05 -35.80
N GLU B 156 -11.99 -0.73 -35.22
CA GLU B 156 -13.28 -0.76 -35.92
C GLU B 156 -13.58 0.48 -36.72
N CYS B 157 -13.38 1.66 -36.12
CA CYS B 157 -13.82 2.92 -36.73
C CYS B 157 -12.69 3.73 -37.35
N GLY B 158 -11.45 3.29 -37.16
CA GLY B 158 -10.27 4.01 -37.64
C GLY B 158 -10.05 5.39 -37.03
N VAL B 159 -10.59 5.61 -35.83
CA VAL B 159 -10.52 6.93 -35.16
C VAL B 159 -9.30 6.96 -34.20
N VAL B 160 -8.45 7.98 -34.35
CA VAL B 160 -7.32 8.23 -33.45
C VAL B 160 -7.55 9.62 -32.87
N ILE B 161 -7.60 9.72 -31.53
CA ILE B 161 -7.74 11.00 -30.85
C ILE B 161 -6.58 11.11 -29.86
N GLU B 162 -5.68 12.06 -30.06
CA GLU B 162 -4.47 12.15 -29.23
C GLU B 162 -4.85 12.37 -27.77
N GLY B 163 -4.19 11.62 -26.88
CA GLY B 163 -4.50 11.68 -25.46
C GLY B 163 -5.58 10.70 -25.02
N VAL B 164 -6.47 10.33 -25.94
CA VAL B 164 -7.56 9.43 -25.58
C VAL B 164 -7.15 8.00 -25.84
N ASN B 165 -6.84 7.69 -27.10
CA ASN B 165 -6.30 6.38 -27.44
C ASN B 165 -4.82 6.41 -27.88
N THR B 166 -4.11 7.48 -27.51
CA THR B 166 -2.63 7.57 -27.58
C THR B 166 -2.22 8.27 -26.29
N PRO B 167 -1.05 7.94 -25.71
CA PRO B 167 -0.67 8.53 -24.40
C PRO B 167 -0.17 9.96 -24.52
N TYR B 168 -0.27 10.68 -23.39
CA TYR B 168 0.18 12.04 -23.23
C TYR B 168 1.20 12.06 -22.09
N LEU B 169 2.20 12.90 -22.24
CA LEU B 169 3.11 13.20 -21.13
C LEU B 169 2.82 14.55 -20.54
N TYR B 170 3.11 14.70 -19.25
CA TYR B 170 2.91 15.98 -18.57
C TYR B 170 4.14 16.26 -17.74
N PHE B 171 4.86 17.32 -18.11
CA PHE B 171 5.95 17.79 -17.29
C PHE B 171 5.40 18.90 -16.44
N GLY B 172 5.45 18.71 -15.12
CA GLY B 172 4.78 19.64 -14.17
C GLY B 172 5.79 20.40 -13.31
N MET B 173 5.31 21.47 -12.69
CA MET B 173 6.09 22.18 -11.68
C MET B 173 5.13 22.59 -10.58
N TRP B 174 5.65 23.19 -9.51
CA TRP B 174 4.77 23.59 -8.40
C TRP B 174 3.58 24.41 -8.92
N LYS B 175 2.39 24.08 -8.38
CA LYS B 175 1.15 24.84 -8.60
C LYS B 175 0.50 24.55 -9.97
N THR B 176 1.18 23.79 -10.84
CA THR B 176 0.52 23.45 -12.11
C THR B 176 -0.70 22.57 -11.78
N THR B 177 -1.76 22.71 -12.60
CA THR B 177 -3.11 22.42 -12.12
C THR B 177 -3.93 21.73 -13.20
N PHE B 178 -4.71 20.73 -12.78
CA PHE B 178 -5.78 20.20 -13.64
C PHE B 178 -7.11 20.56 -13.04
N ALA B 179 -7.95 21.22 -13.86
CA ALA B 179 -9.26 21.73 -13.40
C ALA B 179 -10.25 20.59 -13.24
N TRP B 180 -11.39 20.85 -12.58
CA TRP B 180 -12.42 19.83 -12.35
C TRP B 180 -13.03 19.32 -13.64
N HIS B 181 -13.06 17.99 -13.80
CA HIS B 181 -13.58 17.40 -15.05
C HIS B 181 -13.82 15.92 -14.87
N THR B 182 -14.66 15.37 -15.74
CA THR B 182 -14.62 13.93 -16.00
C THR B 182 -13.93 13.76 -17.35
N GLU B 183 -13.63 12.52 -17.74
CA GLU B 183 -12.90 12.33 -19.00
C GLU B 183 -13.85 12.51 -20.14
N ASP B 184 -13.30 12.73 -21.32
CA ASP B 184 -14.18 12.81 -22.49
C ASP B 184 -14.98 11.49 -22.63
N MET B 185 -16.24 11.59 -23.01
CA MET B 185 -17.15 10.44 -23.14
C MET B 185 -17.24 9.64 -21.85
N ASP B 186 -16.90 10.31 -20.74
CA ASP B 186 -16.85 9.69 -19.40
C ASP B 186 -16.05 8.38 -19.31
N LEU B 187 -15.00 8.30 -20.10
CA LEU B 187 -14.05 7.19 -20.09
C LEU B 187 -13.30 7.06 -18.76
N TYR B 188 -12.61 5.94 -18.56
CA TYR B 188 -11.65 5.88 -17.44
C TYR B 188 -10.42 6.66 -17.85
N SER B 189 -9.61 7.09 -16.88
CA SER B 189 -8.23 7.44 -17.24
C SER B 189 -7.29 6.70 -16.29
N ILE B 190 -6.05 6.58 -16.72
CA ILE B 190 -4.97 6.04 -15.88
C ILE B 190 -3.77 6.95 -16.03
N ASN B 191 -3.11 7.22 -14.91
CA ASN B 191 -2.03 8.20 -14.85
C ASN B 191 -0.86 7.58 -14.06
N TYR B 192 0.32 7.53 -14.68
CA TYR B 192 1.53 7.00 -14.03
C TYR B 192 2.49 8.16 -13.77
N LEU B 193 2.98 8.30 -12.54
CA LEU B 193 3.96 9.34 -12.24
C LEU B 193 5.38 8.76 -12.40
N HIS B 194 6.04 9.12 -13.50
CA HIS B 194 7.33 8.51 -13.85
C HIS B 194 8.38 8.91 -12.84
N LEU B 195 8.38 10.20 -12.51
CA LEU B 195 9.42 10.73 -11.61
C LEU B 195 9.12 12.07 -11.02
N GLY B 196 9.87 12.43 -9.98
CA GLY B 196 9.77 13.77 -9.42
C GLY B 196 8.84 13.89 -8.22
N GLU B 197 8.37 15.11 -8.00
CA GLU B 197 7.56 15.44 -6.85
C GLU B 197 6.09 14.99 -7.02
N PRO B 198 5.34 14.94 -5.93
CA PRO B 198 4.02 14.34 -6.02
C PRO B 198 2.97 15.13 -6.80
N LYS B 199 1.84 14.46 -7.02
CA LYS B 199 0.67 15.07 -7.68
C LYS B 199 -0.48 14.78 -6.73
N THR B 200 -1.18 15.82 -6.27
CA THR B 200 -2.34 15.63 -5.38
C THR B 200 -3.64 15.66 -6.19
N TRP B 201 -4.58 14.79 -5.81
CA TRP B 201 -5.84 14.62 -6.51
C TRP B 201 -7.00 14.84 -5.57
N TYR B 202 -8.04 15.50 -6.07
CA TYR B 202 -9.32 15.61 -5.36
C TYR B 202 -10.35 14.85 -6.24
N VAL B 203 -11.30 14.17 -5.61
CA VAL B 203 -12.26 13.38 -6.41
C VAL B 203 -13.65 13.44 -5.77
N VAL B 204 -14.69 13.54 -6.59
CA VAL B 204 -16.06 13.48 -6.10
C VAL B 204 -16.61 12.13 -6.62
N PRO B 205 -17.20 11.34 -5.72
CA PRO B 205 -17.75 10.02 -6.15
C PRO B 205 -18.76 10.20 -7.28
N PRO B 206 -18.77 9.29 -8.27
CA PRO B 206 -19.73 9.44 -9.38
C PRO B 206 -21.17 9.69 -8.93
N GLU B 207 -21.59 9.04 -7.87
CA GLU B 207 -22.95 9.22 -7.37
C GLU B 207 -23.27 10.63 -6.93
N HIS B 208 -22.25 11.44 -6.66
CA HIS B 208 -22.45 12.85 -6.27
C HIS B 208 -22.02 13.88 -7.33
N GLY B 209 -21.67 13.42 -8.53
CA GLY B 209 -21.17 14.31 -9.58
C GLY B 209 -22.20 15.38 -9.97
N GLN B 210 -23.49 15.03 -9.98
CA GLN B 210 -24.48 16.06 -10.34
C GLN B 210 -24.51 17.23 -9.37
N ARG B 211 -24.22 16.96 -8.10
CA ARG B 211 -24.13 18.01 -7.08
C ARG B 211 -22.97 18.95 -7.36
N LEU B 212 -21.88 18.39 -7.87
CA LEU B 212 -20.76 19.24 -8.25
C LEU B 212 -21.17 20.10 -9.44
N GLU B 213 -21.86 19.52 -10.42
CA GLU B 213 -22.31 20.28 -11.57
C GLU B 213 -23.20 21.42 -11.13
N ARG B 214 -24.11 21.15 -10.20
CA ARG B 214 -25.03 22.21 -9.69
C ARG B 214 -24.25 23.33 -8.98
N LEU B 215 -23.29 22.97 -8.12
CA LEU B 215 -22.40 23.97 -7.52
C LEU B 215 -21.65 24.79 -8.57
N ALA B 216 -21.09 24.11 -9.58
CA ALA B 216 -20.38 24.82 -10.62
C ALA B 216 -21.26 25.85 -11.38
N ARG B 217 -22.51 25.48 -11.67
CA ARG B 217 -23.44 26.44 -12.29
C ARG B 217 -23.66 27.71 -11.45
N GLU B 218 -23.68 27.54 -10.13
CA GLU B 218 -23.82 28.65 -9.17
C GLU B 218 -22.56 29.52 -9.06
N LEU B 219 -21.39 28.89 -9.05
CA LEU B 219 -20.10 29.59 -9.00
C LEU B 219 -19.68 30.24 -10.32
N PHE B 220 -20.17 29.70 -11.44
CA PHE B 220 -19.80 30.19 -12.74
C PHE B 220 -21.09 30.45 -13.52
N PRO B 221 -21.88 31.45 -13.08
CA PRO B 221 -23.25 31.63 -13.61
C PRO B 221 -23.35 31.98 -15.10
N GLY B 222 -22.31 32.51 -15.71
CA GLY B 222 -22.32 32.73 -17.18
C GLY B 222 -22.30 31.41 -17.99
N SER B 223 -21.86 30.36 -17.32
CA SER B 223 -21.45 29.08 -17.92
C SER B 223 -22.54 28.22 -18.57
N SER B 224 -23.63 27.96 -17.84
CA SER B 224 -24.70 27.08 -18.33
C SER B 224 -25.54 27.72 -19.44
N ARG B 225 -25.65 29.04 -19.40
CA ARG B 225 -26.28 29.76 -20.48
C ARG B 225 -25.54 29.50 -21.81
N GLY B 226 -24.21 29.53 -21.77
CA GLY B 226 -23.38 29.26 -22.96
C GLY B 226 -23.25 27.78 -23.37
N CYS B 227 -23.32 26.87 -22.39
CA CYS B 227 -23.03 25.43 -22.64
C CYS B 227 -23.79 24.52 -21.66
N GLY B 228 -24.21 23.35 -22.10
CA GLY B 228 -24.83 22.40 -21.15
C GLY B 228 -23.79 21.55 -20.44
N ALA B 229 -22.54 21.62 -20.88
CA ALA B 229 -21.49 20.79 -20.33
C ALA B 229 -20.19 21.59 -20.04
N PHE B 230 -20.35 22.75 -19.40
CA PHE B 230 -19.19 23.63 -19.32
CA PHE B 230 -19.27 23.72 -19.05
C PHE B 230 -18.01 23.08 -18.49
N LEU B 231 -18.22 22.12 -17.60
CA LEU B 231 -17.02 21.52 -16.92
C LEU B 231 -16.08 20.84 -17.91
N ARG B 232 -16.61 20.47 -19.09
CA ARG B 232 -15.78 19.91 -20.13
C ARG B 232 -14.76 20.89 -20.67
N HIS B 233 -14.98 22.20 -20.45
CA HIS B 233 -13.97 23.21 -20.82
C HIS B 233 -12.70 23.16 -19.97
N LYS B 234 -12.78 22.55 -18.80
CA LYS B 234 -11.61 22.35 -17.93
C LYS B 234 -10.96 23.69 -17.55
N VAL B 235 -11.82 24.65 -17.21
CA VAL B 235 -11.38 25.96 -16.68
C VAL B 235 -11.72 26.24 -15.20
N ALA B 236 -12.46 25.35 -14.55
CA ALA B 236 -12.99 25.67 -13.21
C ALA B 236 -12.14 25.07 -12.12
N LEU B 237 -11.62 25.93 -11.23
CA LEU B 237 -10.93 25.49 -10.01
C LEU B 237 -11.84 25.78 -8.83
N ILE B 238 -12.03 24.79 -7.98
CA ILE B 238 -12.91 24.91 -6.82
C ILE B 238 -12.23 24.22 -5.67
N SER B 239 -11.98 24.93 -4.58
CA SER B 239 -11.19 24.37 -3.47
C SER B 239 -11.95 23.38 -2.59
N PRO B 240 -11.21 22.54 -1.84
CA PRO B 240 -11.88 21.63 -0.89
C PRO B 240 -12.74 22.35 0.17
N THR B 241 -12.31 23.54 0.60
CA THR B 241 -13.11 24.33 1.56
C THR B 241 -14.46 24.67 0.96
N VAL B 242 -14.46 25.11 -0.30
CA VAL B 242 -15.71 25.43 -0.99
C VAL B 242 -16.61 24.18 -1.15
N LEU B 243 -16.03 23.03 -1.51
CA LEU B 243 -16.83 21.82 -1.59
C LEU B 243 -17.47 21.48 -0.24
N LYS B 244 -16.66 21.55 0.82
CA LYS B 244 -17.12 21.25 2.19
C LYS B 244 -18.27 22.17 2.58
N GLU B 245 -18.11 23.46 2.33
CA GLU B 245 -19.12 24.46 2.72
C GLU B 245 -20.45 24.27 2.00
N ASN B 246 -20.40 23.69 0.80
CA ASN B 246 -21.58 23.38 -0.01
C ASN B 246 -22.06 21.92 0.04
N GLY B 247 -21.48 21.15 0.96
CA GLY B 247 -21.88 19.77 1.23
C GLY B 247 -21.62 18.77 0.11
N ILE B 248 -20.60 19.01 -0.72
CA ILE B 248 -20.26 18.10 -1.81
C ILE B 248 -19.27 17.08 -1.24
N PRO B 249 -19.64 15.79 -1.25
CA PRO B 249 -18.73 14.79 -0.73
C PRO B 249 -17.51 14.68 -1.65
N PHE B 250 -16.33 14.55 -1.06
CA PHE B 250 -15.14 14.38 -1.90
C PHE B 250 -14.04 13.73 -1.06
N ASN B 251 -13.02 13.21 -1.73
CA ASN B 251 -11.81 12.74 -1.07
C ASN B 251 -10.57 13.31 -1.71
N ARG B 252 -9.44 13.22 -1.01
CA ARG B 252 -8.16 13.70 -1.54
C ARG B 252 -7.15 12.63 -1.32
N ILE B 253 -6.18 12.55 -2.22
CA ILE B 253 -5.04 11.62 -2.05
C ILE B 253 -3.86 12.18 -2.82
N THR B 254 -2.64 11.84 -2.37
CA THR B 254 -1.43 12.27 -3.06
C THR B 254 -0.71 11.10 -3.69
N GLN B 255 -0.42 11.24 -4.98
CA GLN B 255 0.26 10.22 -5.77
C GLN B 255 1.78 10.48 -5.77
N GLU B 256 2.57 9.44 -5.49
CA GLU B 256 4.02 9.57 -5.49
C GLU B 256 4.64 8.99 -6.72
N ALA B 257 5.87 9.38 -7.00
CA ALA B 257 6.56 8.79 -8.14
C ALA B 257 6.50 7.27 -8.04
N GLY B 258 6.26 6.64 -9.19
CA GLY B 258 6.17 5.17 -9.27
C GLY B 258 4.80 4.58 -9.01
N GLU B 259 3.77 5.43 -8.87
CA GLU B 259 2.40 4.96 -8.56
C GLU B 259 1.47 5.30 -9.70
N PHE B 260 0.46 4.44 -9.88
CA PHE B 260 -0.62 4.67 -10.84
C PHE B 260 -1.85 5.19 -10.13
N MET B 261 -2.60 6.08 -10.81
CA MET B 261 -3.93 6.45 -10.35
C MET B 261 -4.91 6.09 -11.49
N VAL B 262 -6.09 5.58 -11.14
CA VAL B 262 -7.14 5.34 -12.16
C VAL B 262 -8.36 6.15 -11.79
N THR B 263 -8.92 6.87 -12.77
CA THR B 263 -10.18 7.54 -12.52
C THR B 263 -11.25 6.71 -13.24
N PHE B 264 -12.42 6.62 -12.62
CA PHE B 264 -13.54 5.77 -13.10
C PHE B 264 -14.58 6.62 -13.81
N PRO B 265 -15.41 6.00 -14.66
CA PRO B 265 -16.40 6.77 -15.38
C PRO B 265 -17.27 7.68 -14.51
N TYR B 266 -17.30 8.95 -14.93
CA TYR B 266 -18.06 10.00 -14.31
C TYR B 266 -17.48 10.33 -12.92
N GLY B 267 -16.18 10.08 -12.74
CA GLY B 267 -15.52 10.44 -11.45
C GLY B 267 -14.87 11.81 -11.65
N TYR B 268 -15.50 12.87 -11.15
CA TYR B 268 -14.95 14.22 -11.32
C TYR B 268 -13.66 14.34 -10.49
N HIS B 269 -12.59 14.89 -11.09
CA HIS B 269 -11.32 15.06 -10.35
C HIS B 269 -10.63 16.34 -10.75
N ALA B 270 -9.66 16.74 -9.91
CA ALA B 270 -8.92 17.97 -10.11
C ALA B 270 -7.69 17.81 -9.23
N GLY B 271 -6.67 18.64 -9.43
CA GLY B 271 -5.51 18.53 -8.58
C GLY B 271 -4.39 19.43 -8.99
N PHE B 272 -3.21 19.18 -8.41
CA PHE B 272 -2.05 20.06 -8.67
C PHE B 272 -0.76 19.29 -8.43
N ASN B 273 0.32 19.74 -9.07
CA ASN B 273 1.64 19.14 -8.87
C ASN B 273 2.41 19.89 -7.80
N HIS B 274 3.21 19.13 -7.03
CA HIS B 274 3.91 19.73 -5.88
C HIS B 274 5.22 20.41 -6.29
N GLY B 275 5.78 19.99 -7.42
CA GLY B 275 7.10 20.46 -7.83
C GLY B 275 7.43 19.83 -9.17
N PHE B 276 8.68 19.94 -9.59
CA PHE B 276 9.01 19.33 -10.91
C PHE B 276 8.70 17.82 -10.94
N ASN B 277 7.93 17.37 -11.94
CA ASN B 277 7.61 15.96 -12.13
C ASN B 277 7.27 15.62 -13.59
N CYS B 278 7.09 14.33 -13.87
CA CYS B 278 6.75 13.85 -15.21
C CYS B 278 5.74 12.75 -15.03
N ALA B 279 4.55 12.94 -15.60
CA ALA B 279 3.49 11.94 -15.57
C ALA B 279 3.10 11.56 -17.01
N GLU B 280 2.56 10.37 -17.14
CA GLU B 280 1.98 9.89 -18.42
C GLU B 280 0.55 9.44 -18.20
N ALA B 281 -0.36 9.71 -19.15
CA ALA B 281 -1.74 9.32 -18.90
C ALA B 281 -2.41 8.99 -20.21
N ILE B 282 -3.49 8.22 -20.14
CA ILE B 282 -4.27 7.84 -21.34
C ILE B 282 -5.67 7.45 -20.86
N ASN B 283 -6.67 7.50 -21.74
CA ASN B 283 -7.97 6.96 -21.38
C ASN B 283 -7.99 5.46 -21.68
N PHE B 284 -8.90 4.75 -21.03
CA PHE B 284 -9.28 3.41 -21.46
C PHE B 284 -10.75 3.16 -21.18
N ALA B 285 -11.25 2.00 -21.63
CA ALA B 285 -12.64 1.65 -21.41
C ALA B 285 -12.76 0.18 -21.00
N THR B 286 -13.89 -0.15 -20.41
CA THR B 286 -14.24 -1.51 -20.07
C THR B 286 -15.70 -1.71 -20.52
N PRO B 287 -16.17 -2.95 -20.49
CA PRO B 287 -17.60 -3.15 -20.75
C PRO B 287 -18.54 -2.34 -19.83
N ARG B 288 -18.20 -2.16 -18.54
CA ARG B 288 -19.05 -1.40 -17.62
C ARG B 288 -19.16 0.05 -18.07
N TRP B 289 -18.13 0.55 -18.74
CA TRP B 289 -18.14 1.93 -19.24
C TRP B 289 -19.18 2.20 -20.33
N ILE B 290 -19.55 1.17 -21.09
CA ILE B 290 -20.38 1.44 -22.28
C ILE B 290 -21.64 2.25 -21.95
N ASP B 291 -22.34 1.88 -20.90
CA ASP B 291 -23.54 2.63 -20.53
C ASP B 291 -23.26 4.09 -20.10
N TYR B 292 -22.07 4.34 -19.54
CA TYR B 292 -21.66 5.73 -19.26
C TYR B 292 -21.37 6.48 -20.51
N GLY B 293 -20.75 5.83 -21.52
CA GLY B 293 -20.47 6.47 -22.80
C GLY B 293 -21.77 6.88 -23.48
N LYS B 294 -22.79 6.02 -23.38
CA LYS B 294 -24.12 6.34 -23.95
C LYS B 294 -24.72 7.60 -23.32
N MET B 295 -24.47 7.80 -22.03
CA MET B 295 -25.12 8.86 -21.23
C MET B 295 -24.29 10.14 -21.24
N ALA B 296 -23.03 10.07 -21.65
CA ALA B 296 -22.09 11.19 -21.39
C ALA B 296 -22.58 12.50 -22.01
N SER B 297 -22.53 13.58 -21.24
CA SER B 297 -22.84 14.92 -21.73
C SER B 297 -21.83 15.30 -22.80
N GLN B 298 -22.22 16.17 -23.70
CA GLN B 298 -21.27 16.68 -24.67
CA GLN B 298 -21.34 16.67 -24.75
C GLN B 298 -21.37 18.19 -24.73
N CYS B 299 -20.21 18.83 -24.86
CA CYS B 299 -20.13 20.27 -24.92
C CYS B 299 -20.85 20.75 -26.21
N SER B 300 -21.79 21.70 -26.06
CA SER B 300 -22.63 22.23 -27.18
C SER B 300 -21.96 23.35 -27.99
N CYS B 301 -21.04 24.06 -27.34
CA CYS B 301 -20.63 25.37 -27.81
C CYS B 301 -19.35 25.36 -28.64
N GLY B 302 -18.72 24.20 -28.79
CA GLY B 302 -17.51 24.09 -29.61
C GLY B 302 -16.19 24.26 -28.88
N GLU B 303 -16.22 24.44 -27.57
CA GLU B 303 -14.97 24.52 -26.79
C GLU B 303 -14.34 23.14 -26.60
N ALA B 304 -15.12 22.15 -26.16
CA ALA B 304 -14.61 20.77 -25.97
C ALA B 304 -15.16 19.81 -27.05
N ARG B 305 -14.35 19.54 -28.07
CA ARG B 305 -14.82 18.85 -29.28
C ARG B 305 -14.53 17.34 -29.33
N VAL B 306 -14.01 16.77 -28.24
CA VAL B 306 -13.75 15.34 -28.24
C VAL B 306 -15.04 14.52 -28.10
N THR B 307 -15.38 13.78 -29.15
CA THR B 307 -16.52 12.88 -29.09
C THR B 307 -16.32 11.75 -30.10
N PHE B 308 -17.10 10.69 -29.94
CA PHE B 308 -17.15 9.62 -30.94
C PHE B 308 -18.45 8.84 -30.79
N SER B 309 -18.79 8.03 -31.78
CA SER B 309 -20.03 7.30 -31.75
C SER B 309 -19.93 6.08 -30.86
N MET B 310 -21.00 5.81 -30.09
CA MET B 310 -21.07 4.59 -29.32
C MET B 310 -21.42 3.34 -30.17
N ASP B 311 -21.73 3.53 -31.45
CA ASP B 311 -22.30 2.41 -32.26
C ASP B 311 -21.49 1.13 -32.22
N ALA B 312 -20.20 1.24 -32.55
CA ALA B 312 -19.33 0.08 -32.61
C ALA B 312 -19.29 -0.70 -31.28
N PHE B 313 -19.29 0.02 -30.16
CA PHE B 313 -19.24 -0.61 -28.85
C PHE B 313 -20.50 -1.38 -28.52
N VAL B 314 -21.65 -0.78 -28.83
CA VAL B 314 -22.92 -1.42 -28.53
C VAL B 314 -23.09 -2.62 -29.47
N ARG B 315 -22.81 -2.41 -30.75
CA ARG B 315 -22.90 -3.44 -31.78
C ARG B 315 -22.12 -4.72 -31.44
N ILE B 316 -20.86 -4.55 -31.03
CA ILE B 316 -19.94 -5.69 -30.79
C ILE B 316 -20.03 -6.26 -29.37
N LEU B 317 -20.14 -5.37 -28.38
CA LEU B 317 -20.08 -5.77 -27.00
C LEU B 317 -21.42 -5.87 -26.30
N GLN B 318 -22.48 -5.27 -26.87
CA GLN B 318 -23.80 -5.41 -26.29
C GLN B 318 -24.78 -5.87 -27.39
N PRO B 319 -24.46 -6.98 -28.07
CA PRO B 319 -25.26 -7.34 -29.27
C PRO B 319 -26.71 -7.59 -28.91
N GLU B 320 -26.99 -8.01 -27.68
CA GLU B 320 -28.39 -8.27 -27.27
C GLU B 320 -29.20 -7.00 -27.01
N ARG B 321 -28.49 -5.87 -26.94
CA ARG B 321 -29.14 -4.59 -26.64
C ARG B 321 -29.00 -3.61 -27.82
N TYR B 322 -28.35 -4.04 -28.89
CA TYR B 322 -28.03 -3.16 -29.98
C TYR B 322 -29.28 -2.61 -30.67
N ASP B 323 -30.24 -3.48 -30.97
CA ASP B 323 -31.52 -3.05 -31.55
C ASP B 323 -32.31 -2.07 -30.67
N LEU B 324 -32.35 -2.38 -29.37
CA LEU B 324 -32.98 -1.50 -28.40
C LEU B 324 -32.27 -0.16 -28.33
N TRP B 325 -30.95 -0.21 -28.35
CA TRP B 325 -30.14 1.02 -28.35
C TRP B 325 -30.42 1.87 -29.61
N LYS B 326 -30.42 1.22 -30.79
CA LYS B 326 -30.70 1.94 -32.05
C LYS B 326 -32.07 2.60 -32.07
N ARG B 327 -33.05 1.92 -31.46
CA ARG B 327 -34.38 2.47 -31.37
C ARG B 327 -34.39 3.77 -30.58
N GLY B 328 -33.63 3.81 -29.49
CA GLY B 328 -33.47 5.00 -28.67
C GLY B 328 -32.82 6.16 -29.42
N GLN B 329 -31.90 5.84 -30.32
CA GLN B 329 -31.22 6.85 -31.12
C GLN B 329 -32.15 7.51 -32.16
N ASP B 330 -32.95 6.69 -32.83
CA ASP B 330 -33.75 7.09 -33.99
C ASP B 330 -35.20 7.35 -33.60
N THR C 1 13.65 -17.58 34.36
CA THR C 1 12.29 -17.00 34.23
C THR C 1 11.86 -17.02 32.74
N ALA C 2 10.61 -17.40 32.51
CA ALA C 2 10.05 -17.47 31.15
C ALA C 2 10.02 -16.09 30.49
N ARG C 3 10.41 -16.08 29.22
CA ARG C 3 10.35 -14.88 28.39
C ARG C 3 10.10 -15.35 26.95
N SER C 5 10.82 -16.05 23.21
CA SER C 5 12.08 -16.61 22.66
CA SER C 5 12.09 -16.54 22.65
C SER C 5 11.95 -16.79 21.16
N THR C 6 13.07 -16.67 20.43
CA THR C 6 13.07 -16.93 18.97
C THR C 6 13.12 -18.42 18.65
N GLY C 7 13.65 -19.21 19.55
CA GLY C 7 13.66 -20.66 19.32
C GLY C 7 14.27 -21.41 20.46
N GLY C 8 14.87 -22.56 20.16
CA GLY C 8 15.42 -23.46 21.20
C GLY C 8 16.94 -23.61 21.23
N LYS C 9 17.46 -23.94 22.41
CA LYS C 9 18.91 -24.00 22.67
C LYS C 9 19.57 -25.38 22.46
N ALA C 10 20.88 -25.43 22.71
CA ALA C 10 21.72 -26.65 22.66
C ALA C 10 21.73 -27.29 21.29
N ALA D 2 -9.73 17.68 -33.20
CA ALA D 2 -10.07 17.51 -31.75
C ALA D 2 -9.06 16.58 -31.07
N ARG D 3 -8.58 16.97 -29.89
CA ARG D 3 -7.67 16.12 -29.12
C ARG D 3 -7.94 16.37 -27.65
N SER D 5 -7.33 17.70 -24.03
CA SER D 5 -6.56 18.86 -23.58
C SER D 5 -6.79 19.18 -22.11
N THR D 6 -5.78 19.82 -21.52
CA THR D 6 -5.76 20.17 -20.08
C THR D 6 -6.74 21.28 -19.69
N GLY D 7 -7.02 22.19 -20.62
CA GLY D 7 -7.95 23.29 -20.36
C GLY D 7 -8.16 24.16 -21.58
N GLY D 8 -8.46 25.46 -21.35
CA GLY D 8 -8.78 26.40 -22.43
C GLY D 8 -7.67 27.38 -22.84
#